data_8RP8
#
_entry.id   8RP8
#
_cell.length_a   69.415
_cell.length_b   71.812
_cell.length_c   78.379
_cell.angle_alpha   109.45
_cell.angle_beta   95.55
_cell.angle_gamma   118.9
#
_symmetry.space_group_name_H-M   'P 1'
#
loop_
_entity.id
_entity.type
_entity.pdbx_description
1 polymer 'K2 Fab heavy chain'
2 polymer 'K2 Fab light chain'
3 polymer 'Leukocyte surface antigen CD47'
4 non-polymer DI(HYDROXYETHYL)ETHER
5 non-polymer GLYCEROL
6 non-polymer 2-acetamido-2-deoxy-beta-D-glucopyranose
7 water water
#
loop_
_entity_poly.entity_id
_entity_poly.type
_entity_poly.pdbx_seq_one_letter_code
_entity_poly.pdbx_strand_id
1 'polypeptide(L)'
;EVQLLESGGGLVQPGGSLRLSCAASGFTFSSYAMSWVRQAPGKGLEWVSAISGSGGSTYYADSVKGRFTISRDNSKNTLY
LQMNSLRAEDTAVYYCAKSYGAFDYWGQGTLVTVSSASTKGPSVFPLAPSSKSTSGGTAALGCLVKDYFPEPVTVSWNSG
ALTSGVHTFPAVLQSSGLYSLSSVVTVPSSSLGTQTYICNVNHKPSNTKVDKRVEPKSCDKTH
;
A,H
2 'polypeptide(L)'
;DIQMTQSPSSLSASVGDRVTITCRASQSISSYLNWYQQKPGKAPKLLIYAASSLQSGVPSRFSGSGSGTDFTLTISSLQP
EDFATYYCQQMHPRAPKTFGQGTKVEIKRTVAAPSVFIFPPSDEQLKSGTASVVCLLNNFYPREAKVQWKVDNALQSGNS
QESVTEQDSKDSTYSLSSTLTLSKADYEKHKVYACEVTHQGLSSPVTKSFNRGEC
;
B,L
3 'polypeptide(L)'
;(PCA)LLFNKTKSVEFTFGNDTVVIPCFVTNMEAQNTTEVYVKWKFKGRDIYTFDGALNKSTVPTDFSSAKIEVSQLLKG
DASLKMDKSDAVSHTGNYTCEVTELTREGETIIELKYRVVSWFSPNEHHHHHH
;
C,D
#
# COMPACT_ATOMS: atom_id res chain seq x y z
N GLU A 1 14.53 13.19 -32.43
CA GLU A 1 13.94 12.37 -31.37
C GLU A 1 12.98 11.30 -31.94
N VAL A 2 12.71 10.26 -31.16
CA VAL A 2 11.77 9.22 -31.58
C VAL A 2 10.35 9.73 -31.41
N GLN A 3 9.53 9.49 -32.43
CA GLN A 3 8.12 9.83 -32.38
CA GLN A 3 8.12 9.84 -32.37
C GLN A 3 7.31 8.66 -32.93
N LEU A 4 6.17 8.38 -32.32
CA LEU A 4 5.26 7.34 -32.78
C LEU A 4 3.92 8.07 -32.85
N LEU A 5 3.49 8.46 -34.05
CA LEU A 5 2.26 9.23 -34.20
C LEU A 5 1.05 8.34 -34.59
N GLU A 6 0.12 8.17 -33.68
CA GLU A 6 -1.08 7.37 -33.93
C GLU A 6 -2.20 8.17 -34.54
N SER A 7 -3.06 7.47 -35.31
CA SER A 7 -4.29 7.99 -35.88
C SER A 7 -5.22 6.80 -36.26
N GLY A 8 -6.46 7.09 -36.60
CA GLY A 8 -7.42 6.08 -37.01
C GLY A 8 -8.35 5.56 -35.93
N GLY A 9 -8.25 6.10 -34.72
CA GLY A 9 -9.09 5.65 -33.63
C GLY A 9 -10.46 6.29 -33.69
N GLY A 10 -11.13 6.34 -32.56
CA GLY A 10 -12.43 6.98 -32.46
C GLY A 10 -13.61 6.08 -32.23
N LEU A 11 -14.80 6.62 -32.48
CA LEU A 11 -16.06 5.94 -32.29
C LEU A 11 -16.33 4.97 -33.43
N VAL A 12 -16.80 3.78 -33.08
CA VAL A 12 -17.13 2.73 -34.05
C VAL A 12 -18.28 1.89 -33.50
N GLN A 13 -19.25 1.54 -34.35
CA GLN A 13 -20.40 0.75 -33.91
C GLN A 13 -20.03 -0.69 -33.60
N PRO A 14 -20.73 -1.35 -32.65
CA PRO A 14 -20.47 -2.79 -32.41
C PRO A 14 -20.55 -3.61 -33.68
N GLY A 15 -19.57 -4.48 -33.88
CA GLY A 15 -19.46 -5.30 -35.08
C GLY A 15 -18.67 -4.62 -36.19
N GLY A 16 -18.41 -3.32 -36.04
CA GLY A 16 -17.70 -2.52 -37.03
C GLY A 16 -16.20 -2.76 -37.11
N SER A 17 -15.54 -2.00 -38.00
CA SER A 17 -14.11 -2.09 -38.23
C SER A 17 -13.42 -0.74 -38.10
N LEU A 18 -12.12 -0.76 -37.76
CA LEU A 18 -11.26 0.43 -37.68
C LEU A 18 -9.84 0.01 -38.10
N ARG A 19 -9.06 0.93 -38.67
CA ARG A 19 -7.66 0.66 -38.96
C ARG A 19 -6.80 1.71 -38.27
N LEU A 20 -6.01 1.31 -37.26
CA LEU A 20 -5.12 2.23 -36.58
C LEU A 20 -3.80 2.34 -37.34
N SER A 21 -3.20 3.52 -37.33
CA SER A 21 -1.90 3.73 -37.97
C SER A 21 -0.92 4.25 -36.91
N CYS A 22 0.37 4.01 -37.10
CA CYS A 22 1.38 4.49 -36.21
C CYS A 22 2.58 4.89 -37.06
N ALA A 23 2.75 6.18 -37.30
CA ALA A 23 3.85 6.72 -38.10
C ALA A 23 5.08 6.88 -37.22
N ALA A 24 6.10 6.07 -37.50
CA ALA A 24 7.31 6.07 -36.71
C ALA A 24 8.42 6.92 -37.29
N SER A 25 9.25 7.48 -36.42
CA SER A 25 10.41 8.27 -36.84
C SER A 25 11.46 8.29 -35.74
N GLY A 26 12.72 8.57 -36.11
CA GLY A 26 13.78 8.69 -35.13
C GLY A 26 14.53 7.44 -34.77
N PHE A 27 14.17 6.32 -35.39
CA PHE A 27 14.86 5.05 -35.25
C PHE A 27 14.71 4.25 -36.54
N THR A 28 15.60 3.30 -36.78
CA THR A 28 15.56 2.45 -37.98
C THR A 28 14.37 1.49 -37.87
N PHE A 29 13.22 1.89 -38.42
CA PHE A 29 11.97 1.16 -38.33
C PHE A 29 12.07 -0.32 -38.66
N SER A 30 12.61 -0.65 -39.82
CA SER A 30 12.72 -2.03 -40.27
C SER A 30 13.61 -2.91 -39.40
N SER A 31 14.47 -2.32 -38.55
CA SER A 31 15.33 -3.12 -37.67
C SER A 31 14.60 -3.65 -36.43
N TYR A 32 13.39 -3.15 -36.14
CA TYR A 32 12.72 -3.51 -34.91
C TYR A 32 11.38 -4.09 -35.09
N ALA A 33 11.04 -5.02 -34.22
CA ALA A 33 9.68 -5.52 -34.09
C ALA A 33 8.84 -4.34 -33.51
N MET A 34 7.54 -4.34 -33.76
CA MET A 34 6.67 -3.27 -33.25
C MET A 34 5.47 -3.91 -32.60
N SER A 35 4.82 -3.20 -31.67
CA SER A 35 3.69 -3.77 -30.94
C SER A 35 2.51 -2.85 -30.77
N TRP A 36 1.36 -3.42 -30.41
CA TRP A 36 0.18 -2.70 -30.00
C TRP A 36 -0.19 -3.22 -28.62
N VAL A 37 -0.50 -2.28 -27.70
CA VAL A 37 -0.86 -2.56 -26.31
C VAL A 37 -2.10 -1.69 -26.05
N ARG A 38 -3.09 -2.20 -25.33
CA ARG A 38 -4.29 -1.40 -25.04
C ARG A 38 -4.59 -1.38 -23.55
N GLN A 39 -5.45 -0.43 -23.13
CA GLN A 39 -5.84 -0.30 -21.76
C GLN A 39 -7.32 0.08 -21.73
N ALA A 40 -8.15 -0.87 -21.32
CA ALA A 40 -9.58 -0.63 -21.18
C ALA A 40 -9.82 0.19 -19.91
N PRO A 41 -10.94 0.96 -19.84
CA PRO A 41 -11.20 1.80 -18.66
C PRO A 41 -11.15 1.05 -17.35
N GLY A 42 -10.38 1.56 -16.41
CA GLY A 42 -10.23 0.92 -15.09
C GLY A 42 -9.55 -0.44 -15.12
N LYS A 43 -8.74 -0.70 -16.18
CA LYS A 43 -8.06 -1.98 -16.29
C LYS A 43 -6.54 -1.81 -16.49
N GLY A 44 -5.81 -2.89 -16.40
CA GLY A 44 -4.37 -2.87 -16.60
C GLY A 44 -3.99 -2.83 -18.06
N LEU A 45 -2.69 -2.87 -18.32
CA LEU A 45 -2.18 -2.86 -19.68
C LEU A 45 -2.31 -4.27 -20.24
N GLU A 46 -2.78 -4.39 -21.46
CA GLU A 46 -2.96 -5.67 -22.10
C GLU A 46 -2.20 -5.61 -23.41
N TRP A 47 -1.12 -6.40 -23.56
CA TRP A 47 -0.41 -6.52 -24.84
C TRP A 47 -1.39 -7.24 -25.79
N VAL A 48 -1.47 -6.77 -27.02
CA VAL A 48 -2.44 -7.30 -27.95
C VAL A 48 -1.82 -7.86 -29.25
N SER A 49 -0.77 -7.21 -29.79
CA SER A 49 -0.21 -7.71 -31.05
C SER A 49 1.23 -7.28 -31.28
N ALA A 50 1.97 -8.04 -32.06
CA ALA A 50 3.35 -7.68 -32.42
C ALA A 50 3.71 -8.19 -33.80
N ILE A 51 4.70 -7.56 -34.44
CA ILE A 51 5.15 -7.93 -35.77
C ILE A 51 6.67 -7.76 -35.83
N SER A 52 7.38 -8.73 -36.41
CA SER A 52 8.82 -8.68 -36.55
C SER A 52 9.20 -7.53 -37.50
N GLY A 53 10.48 -7.13 -37.49
CA GLY A 53 10.97 -6.04 -38.33
C GLY A 53 10.65 -6.16 -39.81
N SER A 54 10.82 -7.35 -40.37
CA SER A 54 10.52 -7.59 -41.79
C SER A 54 9.02 -7.73 -42.07
N GLY A 55 8.25 -8.09 -41.06
CA GLY A 55 6.82 -8.38 -41.23
C GLY A 55 6.50 -9.85 -41.42
N GLY A 56 7.53 -10.70 -41.43
CA GLY A 56 7.39 -12.15 -41.64
C GLY A 56 6.77 -12.92 -40.51
N SER A 57 6.83 -12.38 -39.28
CA SER A 57 6.24 -13.04 -38.13
C SER A 57 5.27 -12.09 -37.42
N THR A 58 4.06 -12.58 -37.10
CA THR A 58 3.06 -11.82 -36.37
C THR A 58 2.65 -12.58 -35.11
N TYR A 59 2.29 -11.84 -34.07
CA TYR A 59 1.91 -12.41 -32.77
C TYR A 59 0.63 -11.73 -32.32
N TYR A 60 -0.27 -12.47 -31.65
CA TYR A 60 -1.52 -11.91 -31.17
C TYR A 60 -1.87 -12.49 -29.82
N ALA A 61 -2.55 -11.69 -29.02
CA ALA A 61 -3.13 -12.16 -27.78
C ALA A 61 -4.37 -12.99 -28.20
N ASP A 62 -4.75 -14.00 -27.41
CA ASP A 62 -5.92 -14.82 -27.73
C ASP A 62 -7.21 -13.99 -27.77
N SER A 63 -7.27 -12.88 -27.03
CA SER A 63 -8.46 -12.02 -26.99
C SER A 63 -8.75 -11.31 -28.32
N VAL A 64 -7.75 -11.20 -29.21
CA VAL A 64 -7.94 -10.51 -30.50
C VAL A 64 -7.65 -11.38 -31.72
N LYS A 65 -7.09 -12.58 -31.52
CA LYS A 65 -6.75 -13.53 -32.59
C LYS A 65 -7.96 -13.83 -33.47
N GLY A 66 -7.77 -13.74 -34.78
CA GLY A 66 -8.85 -13.97 -35.72
C GLY A 66 -9.62 -12.72 -36.10
N ARG A 67 -9.56 -11.67 -35.27
CA ARG A 67 -10.28 -10.44 -35.55
C ARG A 67 -9.34 -9.29 -35.91
N PHE A 68 -8.16 -9.25 -35.30
CA PHE A 68 -7.21 -8.17 -35.56
C PHE A 68 -6.12 -8.65 -36.49
N THR A 69 -5.61 -7.76 -37.35
CA THR A 69 -4.47 -8.09 -38.18
C THR A 69 -3.41 -6.99 -38.07
N ILE A 70 -2.22 -7.34 -37.62
CA ILE A 70 -1.13 -6.39 -37.55
C ILE A 70 -0.36 -6.44 -38.87
N SER A 71 0.09 -5.29 -39.37
CA SER A 71 0.90 -5.23 -40.57
C SER A 71 1.80 -3.98 -40.50
N ARG A 72 2.78 -3.88 -41.41
CA ARG A 72 3.66 -2.73 -41.47
C ARG A 72 4.06 -2.44 -42.89
N ASP A 73 4.39 -1.18 -43.16
CA ASP A 73 4.88 -0.76 -44.47
C ASP A 73 6.21 -0.08 -44.17
N ASN A 74 7.30 -0.84 -44.33
CA ASN A 74 8.62 -0.34 -44.00
C ASN A 74 9.03 0.84 -44.89
N SER A 75 8.51 0.92 -46.13
CA SER A 75 8.84 2.06 -47.00
C SER A 75 8.24 3.38 -46.47
N LYS A 76 7.12 3.30 -45.75
CA LYS A 76 6.47 4.48 -45.17
C LYS A 76 6.74 4.61 -43.65
N ASN A 77 7.54 3.71 -43.07
CA ASN A 77 7.86 3.68 -41.64
C ASN A 77 6.57 3.72 -40.79
N THR A 78 5.56 2.99 -41.24
CA THR A 78 4.25 2.99 -40.59
C THR A 78 3.81 1.58 -40.20
N LEU A 79 3.21 1.48 -39.01
CA LEU A 79 2.68 0.26 -38.41
C LEU A 79 1.14 0.34 -38.43
N TYR A 80 0.45 -0.77 -38.74
CA TYR A 80 -1.00 -0.76 -38.77
C TYR A 80 -1.62 -1.82 -37.85
N LEU A 81 -2.91 -1.61 -37.49
CA LEU A 81 -3.69 -2.58 -36.77
C LEU A 81 -5.08 -2.55 -37.35
N GLN A 82 -5.44 -3.57 -38.12
CA GLN A 82 -6.78 -3.67 -38.70
C GLN A 82 -7.63 -4.38 -37.66
N MET A 83 -8.66 -3.72 -37.14
CA MET A 83 -9.50 -4.28 -36.09
C MET A 83 -10.88 -4.54 -36.66
N ASN A 84 -11.28 -5.81 -36.77
CA ASN A 84 -12.59 -6.19 -37.30
C ASN A 84 -13.45 -6.80 -36.19
N SER A 85 -14.78 -6.89 -36.42
CA SER A 85 -15.76 -7.47 -35.49
C SER A 85 -15.61 -6.92 -34.08
N LEU A 86 -15.53 -5.58 -33.96
CA LEU A 86 -15.32 -4.95 -32.67
C LEU A 86 -16.46 -5.15 -31.69
N ARG A 87 -16.14 -5.27 -30.42
CA ARG A 87 -17.10 -5.49 -29.34
C ARG A 87 -16.91 -4.48 -28.22
N ALA A 88 -17.90 -4.35 -27.32
CA ALA A 88 -17.79 -3.41 -26.20
C ALA A 88 -16.52 -3.63 -25.36
N GLU A 89 -16.04 -4.88 -25.26
CA GLU A 89 -14.82 -5.17 -24.49
C GLU A 89 -13.53 -4.68 -25.19
N ASP A 90 -13.61 -4.32 -26.48
CA ASP A 90 -12.47 -3.74 -27.20
C ASP A 90 -12.32 -2.23 -26.99
N THR A 91 -13.25 -1.59 -26.24
CA THR A 91 -13.16 -0.16 -25.92
C THR A 91 -11.95 0.00 -25.01
N ALA A 92 -10.97 0.81 -25.44
CA ALA A 92 -9.70 0.96 -24.72
C ALA A 92 -8.89 2.07 -25.42
N VAL A 93 -7.85 2.57 -24.75
CA VAL A 93 -6.90 3.46 -25.39
C VAL A 93 -5.90 2.47 -26.03
N TYR A 94 -5.59 2.63 -27.33
CA TYR A 94 -4.65 1.75 -27.99
C TYR A 94 -3.37 2.48 -28.19
N TYR A 95 -2.23 1.85 -27.82
CA TYR A 95 -0.91 2.42 -28.00
C TYR A 95 -0.09 1.57 -28.94
N CYS A 96 0.69 2.21 -29.80
CA CYS A 96 1.71 1.48 -30.56
C CYS A 96 3.00 1.67 -29.74
N ALA A 97 3.91 0.74 -29.85
CA ALA A 97 5.15 0.79 -29.10
C ALA A 97 6.25 0.19 -29.92
N LYS A 98 7.44 0.74 -29.77
CA LYS A 98 8.65 0.22 -30.40
C LYS A 98 9.08 -1.05 -29.66
N SER A 99 9.51 -2.08 -30.41
CA SER A 99 10.01 -3.35 -29.92
C SER A 99 8.86 -4.31 -29.58
N TYR A 100 9.20 -5.56 -29.30
CA TYR A 100 8.29 -6.53 -28.76
C TYR A 100 9.08 -7.12 -27.65
N GLY A 101 8.97 -6.48 -26.50
CA GLY A 101 9.72 -6.80 -25.28
C GLY A 101 9.79 -5.54 -24.43
N ALA A 102 10.97 -4.92 -24.34
CA ALA A 102 11.09 -3.65 -23.60
C ALA A 102 10.61 -2.52 -24.47
N PHE A 103 9.39 -2.01 -24.19
CA PHE A 103 8.76 -0.96 -24.97
C PHE A 103 9.37 0.38 -24.55
N ASP A 104 10.40 0.81 -25.27
CA ASP A 104 11.16 1.99 -24.95
C ASP A 104 10.51 3.29 -25.38
N TYR A 105 9.70 3.23 -26.44
CA TYR A 105 9.01 4.39 -26.96
C TYR A 105 7.60 4.00 -27.27
N TRP A 106 6.68 4.94 -27.01
CA TRP A 106 5.27 4.67 -27.16
C TRP A 106 4.58 5.78 -27.90
N GLY A 107 3.51 5.44 -28.58
CA GLY A 107 2.66 6.44 -29.20
C GLY A 107 1.86 7.16 -28.12
N GLN A 108 1.16 8.22 -28.51
CA GLN A 108 0.37 9.01 -27.56
C GLN A 108 -0.89 8.29 -27.04
N GLY A 109 -1.34 7.27 -27.76
CA GLY A 109 -2.55 6.55 -27.41
C GLY A 109 -3.73 7.15 -28.16
N THR A 110 -4.65 6.30 -28.59
CA THR A 110 -5.86 6.76 -29.25
C THR A 110 -7.01 5.96 -28.70
N LEU A 111 -8.04 6.66 -28.23
CA LEU A 111 -9.20 6.00 -27.68
C LEU A 111 -10.07 5.40 -28.76
N VAL A 112 -10.40 4.13 -28.61
CA VAL A 112 -11.32 3.47 -29.51
C VAL A 112 -12.56 3.20 -28.66
N THR A 113 -13.72 3.73 -29.06
CA THR A 113 -14.96 3.53 -28.32
C THR A 113 -15.94 2.74 -29.16
N VAL A 114 -16.28 1.53 -28.72
CA VAL A 114 -17.22 0.69 -29.45
C VAL A 114 -18.60 0.96 -28.89
N SER A 115 -19.40 1.75 -29.61
CA SER A 115 -20.72 2.16 -29.14
C SER A 115 -21.62 2.54 -30.31
N SER A 116 -22.93 2.31 -30.16
CA SER A 116 -23.89 2.74 -31.17
C SER A 116 -24.36 4.19 -30.96
N ALA A 117 -23.89 4.88 -29.90
CA ALA A 117 -24.28 6.26 -29.62
C ALA A 117 -23.65 7.25 -30.62
N SER A 118 -24.30 8.41 -30.79
CA SER A 118 -23.85 9.40 -31.77
C SER A 118 -22.87 10.39 -31.20
N THR A 119 -22.03 10.94 -32.08
CA THR A 119 -21.06 11.96 -31.68
C THR A 119 -21.81 13.24 -31.37
N LYS A 120 -21.49 13.87 -30.24
CA LYS A 120 -22.11 15.12 -29.85
C LYS A 120 -21.00 16.04 -29.36
N GLY A 121 -20.95 17.25 -29.90
CA GLY A 121 -19.98 18.24 -29.47
C GLY A 121 -20.44 18.92 -28.20
N PRO A 122 -19.51 19.42 -27.39
CA PRO A 122 -19.90 20.01 -26.11
C PRO A 122 -20.28 21.48 -26.16
N SER A 123 -20.98 21.94 -25.13
CA SER A 123 -21.21 23.35 -24.93
C SER A 123 -20.18 23.75 -23.85
N VAL A 124 -19.62 24.96 -23.93
CA VAL A 124 -18.62 25.42 -22.96
C VAL A 124 -19.15 26.62 -22.21
N PHE A 125 -19.26 26.52 -20.90
CA PHE A 125 -19.80 27.59 -20.07
C PHE A 125 -18.75 28.12 -19.11
N PRO A 126 -18.76 29.43 -18.83
CA PRO A 126 -17.78 29.97 -17.88
C PRO A 126 -18.13 29.73 -16.41
N LEU A 127 -17.13 29.53 -15.59
CA LEU A 127 -17.29 29.42 -14.14
C LEU A 127 -16.60 30.67 -13.62
N ALA A 128 -17.34 31.78 -13.62
CA ALA A 128 -16.83 33.10 -13.26
C ALA A 128 -16.24 33.21 -11.85
N PRO A 129 -15.13 33.96 -11.68
CA PRO A 129 -14.61 34.16 -10.33
C PRO A 129 -15.58 35.05 -9.53
N SER A 130 -15.99 34.58 -8.35
CA SER A 130 -16.89 35.23 -7.41
C SER A 130 -16.20 35.35 -6.04
N SER A 131 -16.80 36.12 -5.10
CA SER A 131 -16.25 36.24 -3.75
C SER A 131 -16.76 35.13 -2.82
N GLY A 137 -7.49 36.32 -0.51
CA GLY A 137 -6.21 36.48 -1.21
C GLY A 137 -6.12 35.70 -2.50
N THR A 138 -6.95 34.66 -2.66
CA THR A 138 -6.94 33.78 -3.83
C THR A 138 -8.34 33.56 -4.36
N ALA A 139 -8.51 33.64 -5.70
CA ALA A 139 -9.81 33.42 -6.33
C ALA A 139 -9.81 32.22 -7.28
N ALA A 140 -10.94 31.51 -7.39
CA ALA A 140 -11.05 30.36 -8.31
C ALA A 140 -11.98 30.71 -9.46
N LEU A 141 -11.61 30.32 -10.67
CA LEU A 141 -12.42 30.47 -11.89
C LEU A 141 -12.28 29.18 -12.75
N GLY A 142 -13.13 29.01 -13.75
CA GLY A 142 -13.04 27.83 -14.60
C GLY A 142 -13.92 27.77 -15.83
N CYS A 143 -14.10 26.56 -16.36
CA CYS A 143 -14.91 26.31 -17.53
C CYS A 143 -15.61 24.97 -17.39
N LEU A 144 -16.89 24.89 -17.76
CA LEU A 144 -17.68 23.67 -17.73
C LEU A 144 -17.87 23.19 -19.16
N VAL A 145 -17.34 22.01 -19.48
CA VAL A 145 -17.44 21.40 -20.81
C VAL A 145 -18.52 20.34 -20.68
N LYS A 146 -19.73 20.66 -21.15
CA LYS A 146 -20.89 19.83 -20.92
C LYS A 146 -21.50 19.15 -22.13
N ASP A 147 -21.99 17.93 -21.92
CA ASP A 147 -22.80 17.15 -22.87
C ASP A 147 -22.11 16.75 -24.18
N TYR A 148 -21.00 16.02 -24.07
CA TYR A 148 -20.29 15.57 -25.27
C TYR A 148 -20.14 14.06 -25.31
N PHE A 149 -19.85 13.55 -26.50
CA PHE A 149 -19.62 12.13 -26.71
C PHE A 149 -18.94 11.96 -28.07
N PRO A 150 -17.95 11.07 -28.19
CA PRO A 150 -17.32 10.31 -27.11
C PRO A 150 -16.24 11.16 -26.41
N GLU A 151 -15.45 10.54 -25.54
CA GLU A 151 -14.28 11.20 -25.00
C GLU A 151 -13.22 11.15 -26.15
N PRO A 152 -12.18 11.98 -26.10
CA PRO A 152 -11.86 12.92 -25.03
C PRO A 152 -12.04 14.38 -25.40
N VAL A 153 -11.96 15.27 -24.41
CA VAL A 153 -11.84 16.68 -24.65
C VAL A 153 -10.50 17.11 -24.01
N THR A 154 -9.87 18.14 -24.56
CA THR A 154 -8.67 18.68 -23.95
C THR A 154 -8.96 20.11 -23.55
N VAL A 155 -8.41 20.55 -22.42
CA VAL A 155 -8.60 21.91 -21.95
C VAL A 155 -7.25 22.52 -21.59
N SER A 156 -6.98 23.71 -22.12
CA SER A 156 -5.80 24.49 -21.75
C SER A 156 -6.25 25.91 -21.31
N TRP A 157 -5.37 26.65 -20.68
CA TRP A 157 -5.67 27.99 -20.21
C TRP A 157 -4.67 28.98 -20.80
N ASN A 158 -5.18 30.08 -21.40
CA ASN A 158 -4.39 31.12 -22.06
C ASN A 158 -3.42 30.52 -23.08
N SER A 159 -3.90 29.56 -23.88
CA SER A 159 -3.17 28.84 -24.92
C SER A 159 -1.94 28.07 -24.41
N GLY A 160 -2.02 27.60 -23.16
CA GLY A 160 -0.92 26.88 -22.56
C GLY A 160 -0.03 27.71 -21.65
N ALA A 161 -0.19 29.05 -21.66
CA ALA A 161 0.61 29.93 -20.82
C ALA A 161 0.26 29.84 -19.33
N LEU A 162 -0.96 29.40 -19.01
CA LEU A 162 -1.38 29.26 -17.63
C LEU A 162 -1.53 27.77 -17.30
N THR A 163 -0.60 27.23 -16.51
CA THR A 163 -0.60 25.81 -16.12
C THR A 163 -0.64 25.64 -14.60
N SER A 164 -0.15 26.63 -13.84
CA SER A 164 -0.09 26.56 -12.38
C SER A 164 -1.44 26.71 -11.71
N GLY A 165 -1.75 25.79 -10.82
CA GLY A 165 -3.01 25.81 -10.08
C GLY A 165 -4.20 25.39 -10.91
N VAL A 166 -3.96 24.70 -12.04
CA VAL A 166 -5.02 24.23 -12.92
C VAL A 166 -5.42 22.81 -12.54
N HIS A 167 -6.72 22.57 -12.39
CA HIS A 167 -7.25 21.25 -12.09
C HIS A 167 -8.32 20.92 -13.12
N THR A 168 -8.01 20.05 -14.08
CA THR A 168 -8.97 19.62 -15.08
C THR A 168 -9.47 18.28 -14.60
N PHE A 169 -10.72 18.22 -14.17
CA PHE A 169 -11.28 17.01 -13.60
C PHE A 169 -11.52 15.92 -14.62
N PRO A 170 -11.47 14.64 -14.17
CA PRO A 170 -11.84 13.56 -15.09
C PRO A 170 -13.31 13.72 -15.48
N ALA A 171 -13.63 13.37 -16.72
CA ALA A 171 -15.01 13.49 -17.18
C ALA A 171 -15.90 12.52 -16.43
N VAL A 172 -17.16 12.91 -16.22
CA VAL A 172 -18.12 12.01 -15.60
C VAL A 172 -19.18 11.70 -16.61
N LEU A 173 -19.61 10.46 -16.64
CA LEU A 173 -20.66 10.07 -17.54
C LEU A 173 -21.97 10.42 -16.87
N GLN A 174 -22.76 11.30 -17.49
CA GLN A 174 -24.06 11.71 -16.96
C GLN A 174 -25.15 10.65 -17.21
N SER A 175 -26.33 10.79 -16.57
CA SER A 175 -27.44 9.85 -16.77
C SER A 175 -27.92 9.78 -18.21
N SER A 176 -27.71 10.85 -18.98
CA SER A 176 -28.08 10.91 -20.39
C SER A 176 -27.11 10.13 -21.30
N GLY A 177 -26.00 9.61 -20.78
CA GLY A 177 -25.00 8.95 -21.60
C GLY A 177 -24.02 9.93 -22.23
N LEU A 178 -24.10 11.21 -21.87
CA LEU A 178 -23.17 12.22 -22.37
C LEU A 178 -22.18 12.56 -21.24
N TYR A 179 -20.96 12.92 -21.60
CA TYR A 179 -19.95 13.26 -20.59
C TYR A 179 -20.00 14.74 -20.23
N SER A 180 -19.41 15.07 -19.10
CA SER A 180 -19.26 16.45 -18.65
C SER A 180 -17.98 16.53 -17.83
N LEU A 181 -17.31 17.67 -17.89
CA LEU A 181 -16.14 17.91 -17.06
C LEU A 181 -15.95 19.39 -16.81
N SER A 182 -15.25 19.72 -15.75
CA SER A 182 -14.92 21.11 -15.47
CA SER A 182 -14.91 21.11 -15.44
C SER A 182 -13.40 21.23 -15.35
N SER A 183 -12.88 22.40 -15.67
CA SER A 183 -11.46 22.69 -15.55
C SER A 183 -11.44 23.98 -14.78
N VAL A 184 -10.77 23.99 -13.61
CA VAL A 184 -10.71 25.15 -12.75
C VAL A 184 -9.25 25.61 -12.54
N VAL A 185 -9.07 26.86 -12.14
CA VAL A 185 -7.74 27.40 -11.86
C VAL A 185 -7.86 28.42 -10.73
N THR A 186 -6.91 28.42 -9.78
CA THR A 186 -6.91 29.42 -8.73
C THR A 186 -5.82 30.42 -9.04
N VAL A 187 -6.17 31.71 -9.06
CA VAL A 187 -5.26 32.82 -9.37
C VAL A 187 -5.40 33.92 -8.30
N PRO A 188 -4.43 34.86 -8.20
CA PRO A 188 -4.56 35.94 -7.22
C PRO A 188 -5.76 36.84 -7.55
N SER A 189 -6.48 37.28 -6.52
CA SER A 189 -7.66 38.14 -6.68
C SER A 189 -7.32 39.46 -7.38
N SER A 190 -6.09 39.98 -7.16
CA SER A 190 -5.60 41.24 -7.73
C SER A 190 -5.54 41.23 -9.25
N SER A 191 -5.27 40.06 -9.84
CA SER A 191 -5.16 39.93 -11.29
C SER A 191 -6.51 39.85 -12.03
N LEU A 192 -7.63 39.72 -11.30
CA LEU A 192 -8.94 39.54 -11.93
C LEU A 192 -9.37 40.67 -12.85
N GLY A 193 -8.98 41.90 -12.54
CA GLY A 193 -9.33 43.05 -13.35
C GLY A 193 -8.38 43.31 -14.50
N THR A 194 -7.12 42.90 -14.35
CA THR A 194 -6.10 43.15 -15.37
C THR A 194 -5.88 41.93 -16.30
N GLN A 195 -5.47 40.78 -15.73
CA GLN A 195 -5.17 39.56 -16.48
C GLN A 195 -6.44 38.95 -17.07
N THR A 196 -6.31 38.44 -18.30
CA THR A 196 -7.42 37.80 -19.02
C THR A 196 -7.25 36.29 -18.94
N TYR A 197 -8.34 35.57 -18.65
CA TYR A 197 -8.30 34.11 -18.54
C TYR A 197 -9.23 33.47 -19.56
N ILE A 198 -8.65 32.71 -20.51
CA ILE A 198 -9.40 32.05 -21.57
C ILE A 198 -9.18 30.54 -21.50
N CYS A 199 -10.27 29.76 -21.52
CA CYS A 199 -10.12 28.31 -21.56
C CYS A 199 -10.24 27.86 -23.02
N ASN A 200 -9.30 27.02 -23.46
CA ASN A 200 -9.26 26.53 -24.83
C ASN A 200 -9.71 25.09 -24.81
N VAL A 201 -10.93 24.84 -25.27
CA VAL A 201 -11.54 23.52 -25.29
C VAL A 201 -11.50 22.93 -26.68
N ASN A 202 -11.04 21.69 -26.80
CA ASN A 202 -11.02 21.02 -28.09
C ASN A 202 -11.66 19.66 -27.97
N HIS A 203 -12.59 19.35 -28.86
CA HIS A 203 -13.24 18.06 -28.91
C HIS A 203 -13.07 17.54 -30.34
N LYS A 204 -11.91 16.92 -30.62
CA LYS A 204 -11.58 16.36 -31.94
C LYS A 204 -12.65 15.43 -32.54
N PRO A 205 -13.32 14.53 -31.79
CA PRO A 205 -14.34 13.66 -32.43
C PRO A 205 -15.46 14.41 -33.15
N SER A 206 -15.80 15.64 -32.73
CA SER A 206 -16.83 16.43 -33.40
C SER A 206 -16.30 17.68 -34.10
N ASN A 207 -14.98 17.93 -34.05
CA ASN A 207 -14.32 19.10 -34.64
C ASN A 207 -14.82 20.38 -33.97
N THR A 208 -14.95 20.34 -32.63
CA THR A 208 -15.41 21.51 -31.89
C THR A 208 -14.20 22.16 -31.26
N LYS A 209 -14.02 23.46 -31.48
CA LYS A 209 -12.93 24.19 -30.84
C LYS A 209 -13.50 25.46 -30.27
N VAL A 210 -13.56 25.57 -28.95
CA VAL A 210 -14.13 26.75 -28.30
C VAL A 210 -13.09 27.44 -27.44
N ASP A 211 -12.96 28.76 -27.57
CA ASP A 211 -12.08 29.54 -26.73
C ASP A 211 -13.04 30.43 -25.94
N LYS A 212 -13.24 30.14 -24.65
CA LYS A 212 -14.19 30.89 -23.84
C LYS A 212 -13.47 31.80 -22.88
N ARG A 213 -13.83 33.09 -22.88
CA ARG A 213 -13.23 34.06 -21.98
C ARG A 213 -14.00 34.00 -20.66
N VAL A 214 -13.27 33.97 -19.54
CA VAL A 214 -13.87 33.87 -18.21
C VAL A 214 -13.54 35.13 -17.42
N GLU A 215 -14.54 35.98 -17.24
CA GLU A 215 -14.38 37.26 -16.53
C GLU A 215 -15.29 37.32 -15.30
N PRO A 216 -14.99 38.17 -14.31
CA PRO A 216 -15.90 38.28 -13.14
C PRO A 216 -17.27 38.87 -13.53
N LYS A 217 -18.25 38.77 -12.61
CA LYS A 217 -19.61 39.27 -12.84
C LYS A 217 -20.37 38.34 -13.80
N ASP B 1 1.84 -20.42 -21.28
CA ASP B 1 2.21 -19.01 -21.11
C ASP B 1 2.91 -18.75 -19.76
N ILE B 2 3.53 -17.57 -19.59
CA ILE B 2 4.19 -17.21 -18.35
C ILE B 2 3.34 -16.19 -17.61
N GLN B 3 3.00 -16.48 -16.35
CA GLN B 3 2.17 -15.59 -15.53
C GLN B 3 3.04 -14.81 -14.55
N MET B 4 2.77 -13.52 -14.40
CA MET B 4 3.52 -12.70 -13.43
C MET B 4 2.60 -12.41 -12.28
N THR B 5 3.10 -12.51 -11.06
CA THR B 5 2.31 -12.16 -9.88
C THR B 5 3.00 -10.92 -9.30
N GLN B 6 2.41 -9.75 -9.51
CA GLN B 6 2.98 -8.50 -9.01
C GLN B 6 2.34 -8.17 -7.65
N SER B 7 3.15 -7.72 -6.70
CA SER B 7 2.67 -7.36 -5.37
CA SER B 7 2.65 -7.36 -5.38
C SER B 7 3.39 -6.09 -4.91
N PRO B 8 2.76 -5.23 -4.10
CA PRO B 8 1.36 -5.32 -3.64
C PRO B 8 0.40 -4.75 -4.71
N SER B 9 -0.90 -4.72 -4.43
CA SER B 9 -1.86 -4.14 -5.34
C SER B 9 -1.78 -2.60 -5.30
N SER B 10 -1.59 -2.04 -4.10
CA SER B 10 -1.42 -0.60 -3.92
C SER B 10 -0.65 -0.35 -2.64
N LEU B 11 -0.05 0.82 -2.53
CA LEU B 11 0.68 1.21 -1.35
C LEU B 11 0.67 2.72 -1.23
N SER B 12 0.81 3.19 0.00
CA SER B 12 0.88 4.60 0.27
C SER B 12 2.19 4.82 1.02
N ALA B 13 3.10 5.68 0.50
CA ALA B 13 4.40 5.89 1.15
C ALA B 13 4.73 7.39 1.18
N SER B 14 5.39 7.83 2.22
CA SER B 14 5.73 9.25 2.38
C SER B 14 6.86 9.70 1.45
N VAL B 15 6.95 11.01 1.17
CA VAL B 15 8.07 11.60 0.42
C VAL B 15 9.36 11.32 1.21
N GLY B 16 10.37 10.80 0.54
CA GLY B 16 11.62 10.43 1.18
C GLY B 16 11.68 8.95 1.56
N ASP B 17 10.53 8.22 1.50
CA ASP B 17 10.47 6.79 1.86
C ASP B 17 11.00 5.91 0.72
N ARG B 18 11.37 4.66 1.02
CA ARG B 18 11.76 3.67 0.03
C ARG B 18 10.47 2.91 -0.40
N VAL B 19 10.26 2.75 -1.70
CA VAL B 19 9.13 1.99 -2.20
C VAL B 19 9.66 0.67 -2.78
N THR B 20 9.06 -0.47 -2.41
CA THR B 20 9.50 -1.79 -2.88
C THR B 20 8.31 -2.54 -3.49
N ILE B 21 8.45 -2.92 -4.74
CA ILE B 21 7.42 -3.63 -5.49
C ILE B 21 8.05 -4.91 -6.04
N THR B 22 7.32 -6.01 -6.02
CA THR B 22 7.91 -7.28 -6.44
C THR B 22 7.06 -7.94 -7.51
N CYS B 23 7.69 -8.85 -8.25
CA CYS B 23 7.02 -9.57 -9.29
C CYS B 23 7.57 -10.98 -9.24
N ARG B 24 6.72 -12.03 -9.27
CA ARG B 24 7.20 -13.40 -9.36
C ARG B 24 6.74 -13.99 -10.68
N ALA B 25 7.65 -14.56 -11.48
CA ALA B 25 7.34 -15.24 -12.74
C ALA B 25 7.00 -16.69 -12.49
N SER B 26 6.05 -17.26 -13.26
CA SER B 26 5.68 -18.68 -13.07
C SER B 26 6.73 -19.66 -13.65
N GLN B 27 7.71 -19.18 -14.41
CA GLN B 27 8.79 -19.99 -14.95
C GLN B 27 10.07 -19.19 -14.87
N SER B 28 11.24 -19.85 -14.95
CA SER B 28 12.52 -19.14 -14.91
CA SER B 28 12.51 -19.14 -14.91
C SER B 28 12.73 -18.42 -16.24
N ILE B 29 12.91 -17.10 -16.19
CA ILE B 29 13.08 -16.27 -17.36
C ILE B 29 14.36 -15.46 -17.33
N SER B 30 15.37 -15.87 -16.53
CA SER B 30 16.65 -15.18 -16.37
CA SER B 30 16.64 -15.18 -16.41
C SER B 30 16.43 -13.65 -16.18
N SER B 31 16.99 -12.73 -17.02
CA SER B 31 16.76 -11.30 -16.81
C SER B 31 15.67 -10.72 -17.71
N TYR B 32 14.81 -11.55 -18.30
CA TYR B 32 13.81 -11.09 -19.25
C TYR B 32 12.56 -10.49 -18.60
N LEU B 33 12.73 -9.39 -17.91
CA LEU B 33 11.63 -8.70 -17.24
C LEU B 33 11.85 -7.20 -17.32
N ASN B 34 10.79 -6.44 -17.55
CA ASN B 34 10.91 -4.98 -17.61
C ASN B 34 9.98 -4.32 -16.59
N TRP B 35 10.26 -3.08 -16.18
CA TRP B 35 9.39 -2.31 -15.29
C TRP B 35 9.02 -1.00 -15.95
N TYR B 36 7.75 -0.57 -15.75
CA TYR B 36 7.21 0.64 -16.33
C TYR B 36 6.50 1.48 -15.28
N GLN B 37 6.46 2.78 -15.51
CA GLN B 37 5.68 3.71 -14.68
C GLN B 37 4.56 4.21 -15.58
N GLN B 38 3.33 4.23 -15.10
CA GLN B 38 2.24 4.81 -15.90
C GLN B 38 1.42 5.81 -15.12
N LYS B 39 1.40 7.06 -15.57
CA LYS B 39 0.53 8.12 -15.05
C LYS B 39 -0.86 7.91 -15.65
N PRO B 40 -1.96 8.24 -14.92
CA PRO B 40 -3.31 7.95 -15.44
C PRO B 40 -3.61 8.47 -16.84
N GLY B 41 -4.14 7.59 -17.70
CA GLY B 41 -4.48 7.95 -19.07
C GLY B 41 -3.33 8.41 -19.95
N LYS B 42 -2.07 8.15 -19.55
CA LYS B 42 -0.89 8.52 -20.34
C LYS B 42 -0.13 7.28 -20.75
N ALA B 43 0.72 7.35 -21.80
CA ALA B 43 1.49 6.18 -22.18
C ALA B 43 2.48 5.81 -21.04
N PRO B 44 2.67 4.51 -20.78
CA PRO B 44 3.69 4.11 -19.81
C PRO B 44 5.09 4.53 -20.27
N LYS B 45 5.99 4.60 -19.31
CA LYS B 45 7.38 4.93 -19.61
C LYS B 45 8.21 3.79 -19.09
N LEU B 46 9.17 3.34 -19.87
CA LEU B 46 10.06 2.26 -19.47
C LEU B 46 11.03 2.78 -18.40
N LEU B 47 11.11 2.10 -17.25
CA LEU B 47 12.04 2.49 -16.21
C LEU B 47 13.30 1.61 -16.26
N ILE B 48 13.08 0.29 -16.16
CA ILE B 48 14.14 -0.71 -16.05
C ILE B 48 13.92 -1.72 -17.16
N TYR B 49 14.97 -2.05 -17.90
CA TYR B 49 14.88 -3.10 -18.91
C TYR B 49 15.84 -4.22 -18.52
N ALA B 50 15.51 -5.45 -18.92
CA ALA B 50 16.33 -6.61 -18.64
C ALA B 50 16.63 -6.76 -17.14
N ALA B 51 15.56 -6.59 -16.33
CA ALA B 51 15.47 -6.74 -14.89
C ALA B 51 16.22 -5.71 -14.04
N SER B 52 17.41 -5.30 -14.46
CA SER B 52 18.28 -4.49 -13.64
C SER B 52 19.01 -3.38 -14.37
N SER B 53 18.71 -3.12 -15.66
CA SER B 53 19.34 -1.98 -16.33
C SER B 53 18.45 -0.75 -16.27
N LEU B 54 19.03 0.38 -15.88
CA LEU B 54 18.27 1.64 -15.83
C LEU B 54 18.15 2.23 -17.23
N GLN B 55 16.92 2.53 -17.71
CA GLN B 55 16.76 3.10 -19.05
C GLN B 55 17.36 4.53 -19.05
N SER B 56 18.03 4.97 -20.17
CA SER B 56 18.63 6.30 -20.17
C SER B 56 17.55 7.38 -20.00
N GLY B 57 17.89 8.41 -19.25
CA GLY B 57 16.93 9.46 -18.96
C GLY B 57 16.13 9.20 -17.69
N VAL B 58 16.06 7.94 -17.21
CA VAL B 58 15.29 7.64 -15.98
C VAL B 58 16.09 8.05 -14.72
N PRO B 59 15.46 8.72 -13.75
CA PRO B 59 16.21 9.14 -12.54
C PRO B 59 16.85 7.96 -11.80
N SER B 60 18.01 8.18 -11.18
CA SER B 60 18.77 7.15 -10.48
C SER B 60 18.07 6.61 -9.21
N ARG B 61 17.00 7.27 -8.73
CA ARG B 61 16.26 6.73 -7.57
C ARG B 61 15.50 5.42 -7.92
N PHE B 62 15.32 5.11 -9.23
CA PHE B 62 14.68 3.86 -9.65
C PHE B 62 15.74 2.81 -9.91
N SER B 63 15.53 1.58 -9.42
CA SER B 63 16.41 0.48 -9.72
C SER B 63 15.62 -0.83 -9.75
N GLY B 64 16.14 -1.80 -10.47
CA GLY B 64 15.55 -3.12 -10.51
C GLY B 64 16.57 -4.15 -10.11
N SER B 65 16.11 -5.26 -9.55
CA SER B 65 17.02 -6.37 -9.23
C SER B 65 16.31 -7.69 -9.42
N GLY B 66 17.08 -8.77 -9.51
CA GLY B 66 16.50 -10.09 -9.63
C GLY B 66 16.80 -10.74 -10.95
N SER B 67 16.76 -12.07 -10.96
CA SER B 67 17.02 -12.88 -12.12
C SER B 67 16.43 -14.26 -11.83
N GLY B 68 15.73 -14.83 -12.80
CA GLY B 68 15.14 -16.15 -12.61
C GLY B 68 13.64 -16.03 -12.51
N THR B 69 13.11 -15.97 -11.28
CA THR B 69 11.67 -15.83 -11.08
C THR B 69 11.32 -14.67 -10.17
N ASP B 70 12.23 -14.21 -9.30
CA ASP B 70 11.89 -13.18 -8.29
C ASP B 70 12.50 -11.83 -8.61
N PHE B 71 11.67 -10.83 -8.86
CA PHE B 71 12.14 -9.52 -9.29
C PHE B 71 11.67 -8.42 -8.36
N THR B 72 12.45 -7.35 -8.24
CA THR B 72 12.05 -6.23 -7.37
C THR B 72 12.33 -4.90 -8.04
N LEU B 73 11.38 -3.98 -7.94
CA LEU B 73 11.57 -2.61 -8.36
C LEU B 73 11.66 -1.79 -7.06
N THR B 74 12.63 -0.89 -6.97
CA THR B 74 12.80 -0.04 -5.80
C THR B 74 12.84 1.43 -6.20
N ILE B 75 12.18 2.28 -5.43
CA ILE B 75 12.33 3.71 -5.55
C ILE B 75 13.04 4.04 -4.23
N SER B 76 14.29 4.48 -4.30
CA SER B 76 15.11 4.64 -3.08
C SER B 76 14.61 5.72 -2.17
N SER B 77 14.16 6.82 -2.74
CA SER B 77 13.68 7.93 -1.95
C SER B 77 12.58 8.59 -2.77
N LEU B 78 11.32 8.34 -2.38
CA LEU B 78 10.14 8.77 -3.11
C LEU B 78 9.95 10.26 -3.24
N GLN B 79 9.68 10.72 -4.46
CA GLN B 79 9.39 12.13 -4.72
C GLN B 79 7.90 12.26 -5.03
N PRO B 80 7.26 13.41 -4.75
CA PRO B 80 5.80 13.48 -4.93
C PRO B 80 5.32 13.24 -6.36
N GLU B 81 6.17 13.58 -7.34
CA GLU B 81 5.82 13.37 -8.74
C GLU B 81 5.92 11.87 -9.14
N ASP B 82 6.31 10.97 -8.21
CA ASP B 82 6.42 9.54 -8.52
C ASP B 82 5.12 8.77 -8.33
N PHE B 83 3.97 9.44 -7.96
CA PHE B 83 2.68 8.72 -7.89
C PHE B 83 2.37 8.21 -9.31
N ALA B 84 1.97 6.96 -9.40
CA ALA B 84 1.71 6.31 -10.69
C ALA B 84 1.28 4.85 -10.42
N THR B 85 0.85 4.11 -11.46
CA THR B 85 0.69 2.68 -11.37
C THR B 85 1.96 2.14 -12.04
N TYR B 86 2.68 1.26 -11.35
CA TYR B 86 3.91 0.67 -11.86
C TYR B 86 3.60 -0.76 -12.32
N TYR B 87 4.20 -1.20 -13.42
CA TYR B 87 3.96 -2.53 -13.93
C TYR B 87 5.23 -3.29 -14.21
N CYS B 88 5.27 -4.60 -13.88
CA CYS B 88 6.34 -5.46 -14.37
C CYS B 88 5.79 -6.05 -15.68
N GLN B 89 6.66 -6.64 -16.48
CA GLN B 89 6.28 -7.26 -17.73
C GLN B 89 7.27 -8.35 -18.02
N GLN B 90 6.77 -9.56 -18.32
CA GLN B 90 7.66 -10.64 -18.71
C GLN B 90 8.03 -10.39 -20.20
N MET B 91 9.29 -10.63 -20.61
CA MET B 91 9.64 -10.46 -22.03
C MET B 91 10.45 -11.63 -22.60
N HIS B 92 10.41 -12.79 -21.96
CA HIS B 92 11.11 -13.97 -22.45
C HIS B 92 10.45 -14.43 -23.75
N PRO B 93 11.24 -14.63 -24.82
CA PRO B 93 10.66 -15.00 -26.12
C PRO B 93 9.91 -16.32 -26.17
N ARG B 94 9.97 -17.19 -25.13
CA ARG B 94 9.22 -18.46 -25.19
C ARG B 94 7.69 -18.25 -25.05
N ALA B 95 7.24 -17.08 -24.60
CA ALA B 95 5.82 -16.87 -24.35
C ALA B 95 5.42 -15.43 -24.63
N PRO B 96 4.08 -15.15 -24.66
CA PRO B 96 3.62 -13.75 -24.82
C PRO B 96 4.24 -12.81 -23.77
N LYS B 97 4.66 -11.62 -24.22
CA LYS B 97 5.37 -10.65 -23.41
C LYS B 97 4.41 -9.71 -22.69
N THR B 98 3.68 -10.30 -21.75
CA THR B 98 2.58 -9.67 -21.06
C THR B 98 2.95 -8.96 -19.76
N PHE B 99 2.07 -8.03 -19.37
CA PHE B 99 2.24 -7.22 -18.18
C PHE B 99 1.69 -7.90 -16.94
N GLY B 100 2.24 -7.53 -15.78
CA GLY B 100 1.71 -7.92 -14.49
C GLY B 100 0.47 -7.08 -14.20
N GLN B 101 -0.11 -7.28 -13.04
CA GLN B 101 -1.36 -6.62 -12.66
C GLN B 101 -1.25 -5.12 -12.34
N GLY B 102 -0.05 -4.66 -11.99
CA GLY B 102 0.16 -3.26 -11.64
C GLY B 102 0.11 -3.02 -10.16
N THR B 103 0.81 -1.98 -9.68
CA THR B 103 0.81 -1.56 -8.28
C THR B 103 0.59 -0.08 -8.31
N LYS B 104 -0.48 0.40 -7.65
CA LYS B 104 -0.73 1.82 -7.60
C LYS B 104 0.04 2.40 -6.41
N VAL B 105 0.94 3.33 -6.65
CA VAL B 105 1.75 3.98 -5.62
C VAL B 105 1.13 5.35 -5.35
N GLU B 106 0.69 5.55 -4.12
CA GLU B 106 0.09 6.79 -3.67
C GLU B 106 1.05 7.46 -2.69
N ILE B 107 1.06 8.79 -2.66
CA ILE B 107 1.93 9.52 -1.74
C ILE B 107 1.19 9.77 -0.44
N LYS B 108 1.74 9.30 0.66
CA LYS B 108 1.19 9.53 2.00
C LYS B 108 1.67 10.90 2.43
N ARG B 109 0.78 11.70 2.99
CA ARG B 109 1.14 13.01 3.52
C ARG B 109 0.24 13.35 4.73
N THR B 110 0.41 14.54 5.30
CA THR B 110 -0.38 14.96 6.45
C THR B 110 -1.74 15.46 6.03
N VAL B 111 -2.68 15.53 6.98
CA VAL B 111 -4.02 16.03 6.73
C VAL B 111 -4.01 17.47 6.23
N ALA B 112 -4.76 17.74 5.15
CA ALA B 112 -4.89 19.08 4.58
C ALA B 112 -6.38 19.35 4.38
N ALA B 113 -6.90 20.42 4.98
CA ALA B 113 -8.31 20.78 4.84
C ALA B 113 -8.54 21.38 3.46
N PRO B 114 -9.70 21.13 2.81
CA PRO B 114 -9.95 21.79 1.52
C PRO B 114 -10.33 23.27 1.61
N SER B 115 -10.06 24.01 0.54
CA SER B 115 -10.54 25.38 0.38
C SER B 115 -11.83 25.18 -0.47
N VAL B 116 -12.99 25.67 -0.01
CA VAL B 116 -14.24 25.46 -0.73
C VAL B 116 -14.70 26.68 -1.52
N PHE B 117 -15.16 26.46 -2.75
CA PHE B 117 -15.69 27.51 -3.63
C PHE B 117 -17.00 27.05 -4.26
N ILE B 118 -17.86 28.00 -4.60
CA ILE B 118 -19.13 27.66 -5.25
C ILE B 118 -19.34 28.55 -6.46
N PHE B 119 -19.91 27.98 -7.53
CA PHE B 119 -20.15 28.68 -8.76
C PHE B 119 -21.58 28.50 -9.16
N PRO B 120 -22.34 29.60 -9.30
CA PRO B 120 -23.70 29.47 -9.84
C PRO B 120 -23.65 29.12 -11.34
N PRO B 121 -24.78 28.69 -11.93
CA PRO B 121 -24.81 28.48 -13.38
C PRO B 121 -24.56 29.81 -14.11
N SER B 122 -23.99 29.74 -15.31
CA SER B 122 -23.76 30.96 -16.10
C SER B 122 -25.08 31.39 -16.74
N ASP B 123 -25.18 32.66 -17.13
CA ASP B 123 -26.36 33.15 -17.83
C ASP B 123 -26.47 32.47 -19.20
N GLU B 124 -25.32 32.21 -19.86
CA GLU B 124 -25.25 31.50 -21.14
C GLU B 124 -25.89 30.10 -20.99
N GLN B 125 -25.55 29.35 -19.91
CA GLN B 125 -26.16 28.04 -19.71
C GLN B 125 -27.64 28.13 -19.40
N LEU B 126 -28.02 29.06 -18.51
CA LEU B 126 -29.44 29.26 -18.16
C LEU B 126 -30.29 29.57 -19.39
N LYS B 127 -29.76 30.35 -20.34
CA LYS B 127 -30.47 30.66 -21.59
C LYS B 127 -30.62 29.41 -22.48
N SER B 128 -29.69 28.46 -22.39
CA SER B 128 -29.78 27.20 -23.10
C SER B 128 -30.79 26.20 -22.45
N GLY B 129 -31.30 26.51 -21.26
CA GLY B 129 -32.33 25.69 -20.63
C GLY B 129 -31.95 24.83 -19.44
N THR B 130 -30.65 24.74 -19.08
CA THR B 130 -30.23 23.91 -17.94
C THR B 130 -29.45 24.73 -16.90
N ALA B 131 -29.25 24.18 -15.70
CA ALA B 131 -28.53 24.86 -14.66
C ALA B 131 -27.57 23.89 -13.96
N SER B 132 -26.29 24.22 -13.98
CA SER B 132 -25.29 23.39 -13.30
C SER B 132 -24.66 24.24 -12.22
N VAL B 133 -24.79 23.81 -10.97
CA VAL B 133 -24.19 24.51 -9.85
C VAL B 133 -22.93 23.72 -9.44
N VAL B 134 -21.76 24.35 -9.41
CA VAL B 134 -20.51 23.64 -9.12
C VAL B 134 -19.90 23.99 -7.78
N CYS B 135 -19.60 22.98 -6.95
CA CYS B 135 -18.94 23.15 -5.67
C CYS B 135 -17.54 22.56 -5.82
N LEU B 136 -16.49 23.34 -5.50
CA LEU B 136 -15.11 22.92 -5.64
C LEU B 136 -14.43 22.82 -4.28
N LEU B 137 -13.79 21.67 -4.01
CA LEU B 137 -13.04 21.39 -2.79
C LEU B 137 -11.61 21.32 -3.28
N ASN B 138 -10.80 22.32 -2.95
CA ASN B 138 -9.45 22.42 -3.48
C ASN B 138 -8.36 22.06 -2.50
N ASN B 139 -7.43 21.21 -2.95
CA ASN B 139 -6.20 20.81 -2.26
C ASN B 139 -6.39 20.26 -0.86
N PHE B 140 -7.00 19.09 -0.79
CA PHE B 140 -7.21 18.43 0.49
C PHE B 140 -6.56 17.05 0.53
N TYR B 141 -6.37 16.53 1.75
CA TYR B 141 -5.81 15.20 1.97
C TYR B 141 -6.30 14.72 3.35
N PRO B 142 -6.75 13.46 3.54
CA PRO B 142 -6.89 12.38 2.56
C PRO B 142 -8.08 12.61 1.61
N ARG B 143 -8.23 11.70 0.63
CA ARG B 143 -9.25 11.77 -0.42
C ARG B 143 -10.68 11.75 0.11
N GLU B 144 -10.90 11.06 1.23
CA GLU B 144 -12.23 10.94 1.81
C GLU B 144 -12.83 12.28 2.18
N ALA B 145 -13.95 12.64 1.56
CA ALA B 145 -14.63 13.90 1.83
C ALA B 145 -16.13 13.75 1.55
N LYS B 146 -16.97 14.48 2.30
CA LYS B 146 -18.42 14.39 2.12
C LYS B 146 -18.94 15.73 1.69
N VAL B 147 -19.70 15.76 0.60
CA VAL B 147 -20.29 16.99 0.10
C VAL B 147 -21.81 16.82 0.16
N GLN B 148 -22.50 17.74 0.85
CA GLN B 148 -23.97 17.72 0.98
C GLN B 148 -24.52 18.99 0.34
N TRP B 149 -25.43 18.85 -0.61
CA TRP B 149 -26.05 20.00 -1.25
C TRP B 149 -27.31 20.38 -0.49
N LYS B 150 -27.54 21.68 -0.32
CA LYS B 150 -28.75 22.20 0.32
C LYS B 150 -29.31 23.35 -0.51
N VAL B 151 -30.59 23.27 -0.91
CA VAL B 151 -31.24 24.30 -1.68
C VAL B 151 -32.41 24.83 -0.84
N ASP B 152 -32.31 26.08 -0.34
CA ASP B 152 -33.26 26.69 0.60
C ASP B 152 -33.36 25.82 1.87
N ASN B 153 -32.19 25.36 2.35
CA ASN B 153 -32.04 24.50 3.52
C ASN B 153 -32.50 23.07 3.34
N ALA B 154 -33.05 22.70 2.16
CA ALA B 154 -33.50 21.33 1.93
C ALA B 154 -32.34 20.44 1.47
N LEU B 155 -32.11 19.30 2.16
CA LEU B 155 -31.08 18.32 1.82
C LEU B 155 -31.40 17.76 0.44
N GLN B 156 -30.39 17.66 -0.42
CA GLN B 156 -30.60 17.12 -1.77
C GLN B 156 -29.99 15.73 -1.89
N SER B 157 -30.51 14.92 -2.83
CA SER B 157 -29.93 13.61 -3.15
C SER B 157 -30.35 13.16 -4.55
N GLY B 158 -29.45 12.44 -5.22
CA GLY B 158 -29.70 11.91 -6.56
C GLY B 158 -29.54 12.89 -7.71
N ASN B 159 -29.28 14.17 -7.42
CA ASN B 159 -29.14 15.18 -8.47
C ASN B 159 -27.73 15.81 -8.54
N SER B 160 -26.73 15.12 -8.00
CA SER B 160 -25.34 15.58 -8.07
C SER B 160 -24.37 14.45 -8.45
N GLN B 161 -23.24 14.82 -9.02
CA GLN B 161 -22.19 13.88 -9.40
C GLN B 161 -20.85 14.49 -9.01
N GLU B 162 -19.90 13.65 -8.58
CA GLU B 162 -18.59 14.12 -8.16
C GLU B 162 -17.48 13.64 -9.07
N SER B 163 -16.39 14.40 -9.11
CA SER B 163 -15.22 14.04 -9.85
C SER B 163 -14.03 14.41 -8.99
N VAL B 164 -12.99 13.56 -8.98
N VAL B 164 -12.99 13.57 -8.98
CA VAL B 164 -11.81 13.82 -8.15
CA VAL B 164 -11.81 13.84 -8.17
C VAL B 164 -10.55 13.76 -9.02
C VAL B 164 -10.55 13.75 -9.02
N THR B 165 -9.62 14.70 -8.85
CA THR B 165 -8.38 14.69 -9.62
C THR B 165 -7.41 13.65 -8.99
N GLU B 166 -6.26 13.42 -9.67
CA GLU B 166 -5.20 12.62 -9.09
C GLU B 166 -4.41 13.52 -8.14
N GLN B 167 -3.50 12.93 -7.34
CA GLN B 167 -2.69 13.70 -6.44
C GLN B 167 -1.85 14.75 -7.19
N ASP B 168 -1.71 15.95 -6.62
CA ASP B 168 -0.88 17.02 -7.15
C ASP B 168 0.60 16.55 -7.10
N SER B 169 1.38 16.88 -8.14
N SER B 169 1.39 16.88 -8.14
CA SER B 169 2.79 16.47 -8.25
CA SER B 169 2.80 16.47 -8.25
C SER B 169 3.72 17.10 -7.22
C SER B 169 3.72 17.10 -7.22
N LYS B 170 3.29 18.15 -6.52
CA LYS B 170 4.11 18.78 -5.51
C LYS B 170 3.55 18.51 -4.12
N ASP B 171 2.26 18.89 -3.86
CA ASP B 171 1.74 18.78 -2.51
C ASP B 171 0.95 17.53 -2.23
N SER B 172 0.78 16.62 -3.22
CA SER B 172 0.09 15.33 -3.04
C SER B 172 -1.36 15.45 -2.59
N THR B 173 -1.99 16.61 -2.82
CA THR B 173 -3.39 16.78 -2.45
C THR B 173 -4.32 16.40 -3.61
N TYR B 174 -5.60 16.29 -3.30
CA TYR B 174 -6.63 16.02 -4.26
C TYR B 174 -7.49 17.27 -4.35
N SER B 175 -8.22 17.39 -5.45
CA SER B 175 -9.25 18.42 -5.58
C SER B 175 -10.50 17.68 -6.05
N LEU B 176 -11.69 18.18 -5.69
CA LEU B 176 -12.92 17.50 -6.02
C LEU B 176 -13.96 18.51 -6.50
N SER B 177 -14.78 18.10 -7.46
CA SER B 177 -15.88 18.94 -7.91
C SER B 177 -17.17 18.17 -7.67
N SER B 178 -18.21 18.84 -7.19
CA SER B 178 -19.52 18.22 -7.03
C SER B 178 -20.45 19.13 -7.82
N THR B 179 -21.11 18.58 -8.85
CA THR B 179 -21.98 19.39 -9.70
C THR B 179 -23.42 19.00 -9.49
N LEU B 180 -24.23 19.98 -9.08
CA LEU B 180 -25.67 19.84 -8.85
C LEU B 180 -26.34 20.24 -10.16
N THR B 181 -27.12 19.35 -10.76
CA THR B 181 -27.76 19.67 -12.03
C THR B 181 -29.27 19.77 -11.89
N LEU B 182 -29.83 20.90 -12.27
CA LEU B 182 -31.27 21.14 -12.23
C LEU B 182 -31.75 21.69 -13.55
N SER B 183 -33.06 21.57 -13.86
CA SER B 183 -33.60 22.20 -15.06
C SER B 183 -33.59 23.72 -14.79
N LYS B 184 -33.65 24.55 -15.85
CA LYS B 184 -33.68 26.02 -15.67
C LYS B 184 -34.86 26.44 -14.73
N ALA B 185 -36.02 25.81 -14.93
CA ALA B 185 -37.22 26.07 -14.14
C ALA B 185 -37.02 25.76 -12.65
N ASP B 186 -36.41 24.60 -12.33
CA ASP B 186 -36.18 24.23 -10.94
C ASP B 186 -35.17 25.16 -10.28
N TYR B 187 -34.13 25.54 -11.02
CA TYR B 187 -33.11 26.46 -10.48
C TYR B 187 -33.74 27.81 -10.11
N GLU B 188 -34.65 28.31 -10.96
CA GLU B 188 -35.31 29.60 -10.73
C GLU B 188 -36.29 29.61 -9.56
N LYS B 189 -36.69 28.44 -9.06
CA LYS B 189 -37.64 28.38 -7.93
C LYS B 189 -37.00 28.70 -6.60
N HIS B 190 -35.68 28.56 -6.48
CA HIS B 190 -35.02 28.70 -5.20
C HIS B 190 -34.06 29.87 -5.11
N LYS B 191 -33.79 30.31 -3.89
CA LYS B 191 -32.89 31.42 -3.67
C LYS B 191 -31.50 30.99 -3.21
N VAL B 192 -31.43 30.19 -2.12
CA VAL B 192 -30.17 29.84 -1.49
C VAL B 192 -29.61 28.50 -1.94
N TYR B 193 -28.40 28.52 -2.49
CA TYR B 193 -27.74 27.29 -2.93
C TYR B 193 -26.50 27.16 -2.09
N ALA B 194 -26.37 26.04 -1.38
CA ALA B 194 -25.25 25.83 -0.48
C ALA B 194 -24.65 24.43 -0.60
N CYS B 195 -23.33 24.33 -0.47
CA CYS B 195 -22.69 23.02 -0.42
C CYS B 195 -21.93 22.94 0.91
N GLU B 196 -22.28 21.93 1.72
CA GLU B 196 -21.70 21.68 3.04
C GLU B 196 -20.64 20.60 2.92
N VAL B 197 -19.40 20.93 3.31
CA VAL B 197 -18.27 20.01 3.21
C VAL B 197 -17.77 19.45 4.55
N THR B 198 -17.73 18.12 4.66
CA THR B 198 -17.22 17.44 5.84
C THR B 198 -15.86 16.80 5.49
N HIS B 199 -14.80 17.13 6.23
CA HIS B 199 -13.47 16.55 5.95
C HIS B 199 -12.65 16.42 7.23
N GLN B 200 -11.79 15.41 7.32
CA GLN B 200 -10.90 15.17 8.48
C GLN B 200 -10.12 16.42 8.90
N GLY B 201 -9.81 17.29 7.94
CA GLY B 201 -9.06 18.51 8.18
C GLY B 201 -9.83 19.66 8.75
N LEU B 202 -11.17 19.56 8.79
CA LEU B 202 -12.04 20.62 9.32
C LEU B 202 -12.64 20.19 10.65
N SER B 203 -12.53 21.04 11.69
CA SER B 203 -13.10 20.72 13.01
C SER B 203 -14.64 20.71 12.99
N SER B 204 -15.25 21.48 12.05
CA SER B 204 -16.69 21.53 11.82
C SER B 204 -16.97 21.69 10.31
N PRO B 205 -18.10 21.17 9.78
CA PRO B 205 -18.37 21.29 8.35
C PRO B 205 -18.36 22.74 7.85
N VAL B 206 -17.86 22.95 6.63
CA VAL B 206 -17.77 24.29 6.05
C VAL B 206 -18.82 24.47 4.96
N THR B 207 -19.65 25.50 5.05
CA THR B 207 -20.67 25.75 4.04
C THR B 207 -20.33 26.96 3.17
N LYS B 208 -20.41 26.82 1.85
CA LYS B 208 -20.24 27.94 0.92
C LYS B 208 -21.59 28.11 0.23
N SER B 209 -22.09 29.34 0.17
CA SER B 209 -23.43 29.60 -0.39
C SER B 209 -23.49 30.81 -1.31
N PHE B 210 -24.60 30.94 -2.04
CA PHE B 210 -24.91 32.11 -2.85
C PHE B 210 -26.43 32.29 -2.96
N ASN B 211 -26.87 33.53 -3.26
CA ASN B 211 -28.28 33.85 -3.48
C ASN B 211 -28.42 34.07 -4.97
N ARG B 212 -29.24 33.26 -5.64
CA ARG B 212 -29.45 33.25 -7.10
C ARG B 212 -29.49 34.63 -7.80
N GLY B 213 -30.25 35.58 -7.27
CA GLY B 213 -30.35 36.90 -7.89
C GLY B 213 -29.17 37.84 -7.69
N GLU B 214 -28.11 37.39 -7.02
CA GLU B 214 -26.95 38.24 -6.74
C GLU B 214 -25.66 37.73 -7.39
N LEU C 2 20.75 -6.79 -33.12
CA LEU C 2 21.79 -7.75 -33.44
C LEU C 2 22.07 -7.69 -34.95
N LEU C 3 23.35 -7.72 -35.31
CA LEU C 3 23.79 -7.67 -36.70
C LEU C 3 24.37 -9.02 -37.11
N PHE C 4 24.27 -9.36 -38.39
CA PHE C 4 24.72 -10.65 -38.90
C PHE C 4 25.74 -10.54 -40.01
N ASN C 5 26.58 -11.58 -40.13
CA ASN C 5 27.52 -11.74 -41.23
C ASN C 5 26.72 -12.69 -42.13
N LYS C 6 25.98 -12.11 -43.08
CA LYS C 6 25.00 -12.80 -43.92
C LYS C 6 25.52 -13.71 -45.02
N THR C 7 24.69 -14.70 -45.38
CA THR C 7 24.89 -15.64 -46.47
C THR C 7 23.52 -15.80 -47.13
N LYS C 8 23.43 -15.53 -48.44
CA LYS C 8 22.16 -15.66 -49.15
C LYS C 8 21.69 -17.12 -49.22
N SER C 9 22.59 -18.05 -49.56
CA SER C 9 22.21 -19.43 -49.71
C SER C 9 23.35 -20.41 -49.51
N VAL C 10 23.01 -21.65 -49.16
CA VAL C 10 23.96 -22.74 -49.04
C VAL C 10 23.40 -23.94 -49.80
N GLU C 11 24.27 -24.71 -50.41
CA GLU C 11 23.84 -25.89 -51.15
C GLU C 11 24.54 -27.13 -50.62
N PHE C 12 23.86 -28.26 -50.66
CA PHE C 12 24.46 -29.54 -50.29
C PHE C 12 24.15 -30.58 -51.36
N THR C 13 24.98 -31.60 -51.42
CA THR C 13 24.75 -32.75 -52.28
C THR C 13 24.85 -33.97 -51.34
N PHE C 14 24.67 -35.20 -51.85
CA PHE C 14 24.88 -36.39 -51.03
C PHE C 14 26.40 -36.64 -50.72
N GLY C 15 27.27 -35.75 -51.19
CA GLY C 15 28.69 -35.75 -50.84
C GLY C 15 28.95 -35.10 -49.49
N ASN C 16 28.01 -34.25 -49.01
CA ASN C 16 28.11 -33.58 -47.71
C ASN C 16 27.87 -34.59 -46.58
N ASP C 17 28.64 -34.50 -45.48
CA ASP C 17 28.46 -35.41 -44.34
C ASP C 17 27.31 -34.91 -43.45
N THR C 18 27.33 -33.62 -43.11
CA THR C 18 26.33 -32.94 -42.29
C THR C 18 25.86 -31.71 -43.07
N VAL C 19 24.61 -31.32 -42.91
CA VAL C 19 24.10 -30.12 -43.55
C VAL C 19 24.25 -28.99 -42.53
N VAL C 20 24.89 -27.90 -42.93
CA VAL C 20 25.10 -26.76 -42.03
C VAL C 20 24.48 -25.51 -42.64
N ILE C 21 23.57 -24.84 -41.92
CA ILE C 21 22.99 -23.58 -42.34
C ILE C 21 23.61 -22.51 -41.48
N PRO C 22 24.45 -21.65 -42.05
CA PRO C 22 25.18 -20.68 -41.22
C PRO C 22 24.33 -19.58 -40.62
N CYS C 23 24.72 -19.13 -39.43
CA CYS C 23 24.10 -17.98 -38.77
C CYS C 23 25.13 -17.41 -37.85
N PHE C 24 25.56 -16.16 -38.12
CA PHE C 24 26.60 -15.54 -37.32
C PHE C 24 26.25 -14.14 -36.91
N VAL C 25 26.09 -13.90 -35.60
CA VAL C 25 25.84 -12.59 -35.03
C VAL C 25 27.20 -11.95 -34.79
N THR C 26 27.40 -10.71 -35.27
CA THR C 26 28.69 -10.05 -35.15
C THR C 26 28.85 -9.19 -33.93
N ASN C 27 27.74 -8.88 -33.21
CA ASN C 27 27.80 -8.01 -32.03
C ASN C 27 27.13 -8.61 -30.77
N MET C 28 27.38 -9.90 -30.45
CA MET C 28 26.84 -10.51 -29.21
C MET C 28 27.58 -9.90 -28.05
N GLU C 29 26.91 -9.64 -26.93
CA GLU C 29 27.55 -9.09 -25.75
C GLU C 29 27.38 -9.95 -24.49
N ALA C 30 26.42 -10.87 -24.47
CA ALA C 30 26.13 -11.69 -23.29
C ALA C 30 27.31 -12.56 -22.92
N GLN C 31 27.60 -12.66 -21.64
CA GLN C 31 28.67 -13.52 -21.15
C GLN C 31 28.12 -14.86 -20.62
N ASN C 32 26.80 -15.10 -20.74
CA ASN C 32 26.17 -16.30 -20.24
C ASN C 32 25.06 -16.69 -21.21
N THR C 33 25.01 -17.99 -21.58
CA THR C 33 23.96 -18.46 -22.48
C THR C 33 22.56 -18.32 -21.88
N THR C 34 22.42 -18.09 -20.54
CA THR C 34 21.08 -17.94 -19.93
C THR C 34 20.30 -16.79 -20.51
N GLU C 35 21.01 -15.74 -20.94
CA GLU C 35 20.39 -14.55 -21.50
C GLU C 35 20.07 -14.66 -22.98
N VAL C 36 20.36 -15.80 -23.63
CA VAL C 36 20.22 -15.97 -25.07
C VAL C 36 19.08 -16.90 -25.41
N TYR C 37 18.41 -16.62 -26.53
CA TYR C 37 17.34 -17.44 -27.07
C TYR C 37 17.57 -17.52 -28.57
N VAL C 38 17.56 -18.73 -29.13
CA VAL C 38 17.76 -18.90 -30.58
C VAL C 38 16.55 -19.59 -31.13
N LYS C 39 16.04 -19.13 -32.28
CA LYS C 39 14.91 -19.79 -32.93
C LYS C 39 15.16 -19.87 -34.42
N TRP C 40 15.07 -21.07 -35.00
CA TRP C 40 15.17 -21.25 -36.42
C TRP C 40 13.77 -21.54 -36.95
N LYS C 41 13.36 -20.82 -37.99
CA LYS C 41 12.05 -21.00 -38.59
C LYS C 41 12.17 -21.46 -40.02
N PHE C 42 11.19 -22.26 -40.46
CA PHE C 42 11.16 -22.79 -41.82
C PHE C 42 9.69 -22.82 -42.21
N LYS C 43 9.32 -22.15 -43.32
CA LYS C 43 7.93 -22.09 -43.79
C LYS C 43 6.94 -21.66 -42.69
N GLY C 44 7.36 -20.70 -41.89
CA GLY C 44 6.55 -20.14 -40.82
C GLY C 44 6.43 -20.98 -39.57
N ARG C 45 7.17 -22.08 -39.46
CA ARG C 45 7.11 -22.95 -38.28
C ARG C 45 8.40 -22.87 -37.50
N ASP C 46 8.33 -23.03 -36.18
CA ASP C 46 9.55 -23.08 -35.36
C ASP C 46 10.10 -24.48 -35.49
N ILE C 47 11.31 -24.63 -36.06
CA ILE C 47 11.87 -25.97 -36.28
C ILE C 47 13.08 -26.29 -35.35
N TYR C 48 13.58 -25.29 -34.60
CA TYR C 48 14.63 -25.43 -33.61
C TYR C 48 14.59 -24.25 -32.67
N THR C 49 14.63 -24.52 -31.36
CA THR C 49 14.81 -23.45 -30.39
C THR C 49 15.85 -23.86 -29.37
N PHE C 50 16.69 -22.92 -28.95
CA PHE C 50 17.57 -23.09 -27.82
C PHE C 50 17.12 -22.01 -26.85
N ASP C 51 16.65 -22.42 -25.67
CA ASP C 51 16.19 -21.51 -24.65
C ASP C 51 17.25 -21.51 -23.57
N GLY C 52 18.09 -20.49 -23.55
CA GLY C 52 19.16 -20.37 -22.57
C GLY C 52 18.72 -20.37 -21.12
N ALA C 53 17.58 -19.72 -20.80
CA ALA C 53 17.10 -19.65 -19.42
C ALA C 53 16.69 -21.00 -18.87
N LEU C 54 16.17 -21.88 -19.73
CA LEU C 54 15.82 -23.24 -19.33
C LEU C 54 16.97 -24.23 -19.64
N ASN C 55 17.99 -23.79 -20.41
CA ASN C 55 19.11 -24.58 -20.95
C ASN C 55 18.51 -25.77 -21.71
N LYS C 56 17.53 -25.47 -22.57
CA LYS C 56 16.77 -26.52 -23.24
C LYS C 56 16.64 -26.29 -24.73
N SER C 57 16.87 -27.36 -25.51
CA SER C 57 16.69 -27.32 -26.96
C SER C 57 15.34 -28.00 -27.30
N THR C 58 14.62 -27.49 -28.31
CA THR C 58 13.35 -28.10 -28.71
C THR C 58 13.29 -28.22 -30.24
N VAL C 59 13.00 -29.43 -30.75
CA VAL C 59 12.81 -29.65 -32.18
C VAL C 59 11.51 -30.43 -32.41
N PRO C 60 10.78 -30.15 -33.50
CA PRO C 60 9.63 -30.99 -33.83
C PRO C 60 10.10 -32.37 -34.38
N THR C 61 9.18 -33.33 -34.58
CA THR C 61 9.55 -34.67 -35.06
C THR C 61 10.13 -34.70 -36.47
N ASP C 62 9.75 -33.72 -37.32
CA ASP C 62 10.31 -33.69 -38.67
C ASP C 62 11.71 -33.05 -38.75
N PHE C 63 12.28 -32.62 -37.61
CA PHE C 63 13.65 -32.08 -37.56
C PHE C 63 14.38 -32.71 -36.38
N SER C 64 14.20 -34.02 -36.16
CA SER C 64 14.80 -34.71 -35.03
C SER C 64 16.32 -34.59 -34.94
N SER C 65 17.01 -34.44 -36.08
CA SER C 65 18.49 -34.35 -36.07
C SER C 65 19.03 -32.92 -35.92
N ALA C 66 18.14 -31.90 -35.94
CA ALA C 66 18.56 -30.50 -35.90
C ALA C 66 19.12 -30.11 -34.55
N LYS C 67 20.22 -29.35 -34.57
CA LYS C 67 20.87 -28.87 -33.35
C LYS C 67 21.81 -27.71 -33.68
N ILE C 68 22.20 -26.96 -32.66
CA ILE C 68 23.25 -25.97 -32.79
C ILE C 68 24.37 -26.38 -31.79
N GLU C 69 25.60 -25.88 -31.98
CA GLU C 69 26.66 -26.14 -31.01
C GLU C 69 26.57 -25.01 -29.98
N VAL C 70 26.00 -25.29 -28.81
CA VAL C 70 25.80 -24.25 -27.79
C VAL C 70 27.12 -23.60 -27.34
N SER C 71 28.23 -24.34 -27.36
CA SER C 71 29.55 -23.81 -26.98
C SER C 71 30.03 -22.65 -27.89
N GLN C 72 29.43 -22.50 -29.08
CA GLN C 72 29.79 -21.46 -30.05
C GLN C 72 28.86 -20.25 -30.04
N LEU C 73 27.77 -20.30 -29.26
CA LEU C 73 26.73 -19.29 -29.20
C LEU C 73 27.19 -17.92 -28.72
N LEU C 74 28.01 -17.86 -27.66
CA LEU C 74 28.46 -16.54 -27.17
C LEU C 74 29.39 -15.84 -28.18
N LYS C 75 30.06 -16.60 -29.07
CA LYS C 75 30.83 -16.00 -30.17
C LYS C 75 29.92 -15.50 -31.34
N GLY C 76 28.62 -15.72 -31.22
CA GLY C 76 27.66 -15.30 -32.22
C GLY C 76 27.26 -16.39 -33.21
N ASP C 77 27.91 -17.56 -33.14
CA ASP C 77 27.61 -18.65 -34.05
C ASP C 77 26.36 -19.40 -33.59
N ALA C 78 25.28 -19.26 -34.35
CA ALA C 78 24.04 -19.96 -34.11
C ALA C 78 23.69 -20.90 -35.26
N SER C 79 24.71 -21.39 -36.01
CA SER C 79 24.50 -22.23 -37.18
C SER C 79 23.73 -23.50 -36.84
N LEU C 80 22.78 -23.85 -37.72
CA LEU C 80 21.97 -25.05 -37.54
C LEU C 80 22.62 -26.22 -38.27
N LYS C 81 22.67 -27.38 -37.64
CA LYS C 81 23.24 -28.59 -38.25
C LYS C 81 22.13 -29.62 -38.28
N MET C 82 22.10 -30.42 -39.31
CA MET C 82 21.11 -31.48 -39.44
C MET C 82 21.63 -32.56 -40.38
N ASP C 83 20.99 -33.75 -40.37
CA ASP C 83 21.39 -34.78 -41.30
C ASP C 83 20.73 -34.56 -42.67
N LYS C 84 21.23 -35.25 -43.71
CA LYS C 84 20.71 -35.11 -45.06
C LYS C 84 19.24 -35.54 -45.19
N SER C 85 18.79 -36.55 -44.45
CA SER C 85 17.38 -36.99 -44.54
C SER C 85 16.42 -35.84 -44.13
N ASP C 86 16.79 -35.07 -43.10
CA ASP C 86 15.97 -33.92 -42.70
C ASP C 86 16.15 -32.75 -43.66
N ALA C 87 17.37 -32.55 -44.14
CA ALA C 87 17.66 -31.46 -45.05
C ALA C 87 16.97 -31.59 -46.42
N VAL C 88 17.03 -32.79 -47.07
CA VAL C 88 16.48 -32.96 -48.40
CA VAL C 88 16.43 -33.01 -48.41
C VAL C 88 14.95 -32.74 -48.43
N SER C 89 14.25 -33.06 -47.35
CA SER C 89 12.83 -32.89 -47.26
C SER C 89 12.40 -31.47 -46.84
N HIS C 90 13.36 -30.59 -46.48
CA HIS C 90 13.08 -29.23 -46.06
C HIS C 90 13.98 -28.21 -46.74
N THR C 91 13.97 -28.17 -48.08
CA THR C 91 14.76 -27.16 -48.80
C THR C 91 13.93 -25.88 -48.86
N GLY C 92 14.62 -24.76 -48.93
CA GLY C 92 13.96 -23.47 -48.98
C GLY C 92 14.53 -22.51 -47.97
N ASN C 93 13.81 -21.41 -47.72
CA ASN C 93 14.26 -20.34 -46.85
C ASN C 93 14.07 -20.60 -45.37
N TYR C 94 15.18 -20.49 -44.64
CA TYR C 94 15.24 -20.62 -43.19
C TYR C 94 15.50 -19.26 -42.58
N THR C 95 14.93 -18.99 -41.42
CA THR C 95 15.16 -17.74 -40.71
C THR C 95 15.84 -18.06 -39.40
N CYS C 96 16.96 -17.41 -39.11
CA CYS C 96 17.69 -17.60 -37.88
C CYS C 96 17.37 -16.36 -37.05
N GLU C 97 16.68 -16.50 -35.91
CA GLU C 97 16.32 -15.37 -35.06
C GLU C 97 17.04 -15.49 -33.73
N VAL C 98 17.84 -14.48 -33.36
CA VAL C 98 18.59 -14.53 -32.11
C VAL C 98 18.13 -13.39 -31.22
N THR C 99 17.95 -13.68 -29.93
CA THR C 99 17.55 -12.67 -28.97
C THR C 99 18.53 -12.68 -27.82
N GLU C 100 18.98 -11.51 -27.42
CA GLU C 100 19.86 -11.37 -26.29
C GLU C 100 19.30 -10.22 -25.47
N LEU C 101 18.34 -10.54 -24.60
CA LEU C 101 17.66 -9.57 -23.76
C LEU C 101 16.90 -8.57 -24.67
N THR C 102 17.17 -7.26 -24.64
CA THR C 102 16.44 -6.33 -25.49
C THR C 102 16.97 -6.26 -26.94
N ARG C 103 18.12 -6.91 -27.23
CA ARG C 103 18.66 -6.87 -28.60
C ARG C 103 18.28 -8.11 -29.38
N GLU C 104 17.65 -7.94 -30.54
CA GLU C 104 17.22 -9.07 -31.36
C GLU C 104 17.60 -8.81 -32.80
N GLY C 105 17.59 -9.87 -33.56
CA GLY C 105 17.81 -9.79 -35.00
C GLY C 105 17.48 -11.10 -35.68
N GLU C 106 17.22 -11.03 -36.98
N GLU C 106 17.28 -11.04 -37.00
CA GLU C 106 16.97 -12.21 -37.80
CA GLU C 106 17.07 -12.26 -37.77
C GLU C 106 17.78 -12.14 -39.09
C GLU C 106 17.63 -12.14 -39.17
N THR C 107 18.00 -13.29 -39.73
CA THR C 107 18.63 -13.36 -41.04
C THR C 107 18.02 -14.55 -41.77
N ILE C 108 17.92 -14.45 -43.07
CA ILE C 108 17.35 -15.50 -43.89
C ILE C 108 18.45 -16.18 -44.70
N ILE C 109 18.40 -17.51 -44.80
CA ILE C 109 19.33 -18.30 -45.60
C ILE C 109 18.54 -19.32 -46.38
N GLU C 110 18.79 -19.45 -47.70
CA GLU C 110 18.10 -20.47 -48.47
C GLU C 110 18.94 -21.73 -48.51
N LEU C 111 18.36 -22.86 -48.13
CA LEU C 111 19.00 -24.17 -48.19
C LEU C 111 18.60 -24.78 -49.53
N LYS C 112 19.61 -25.06 -50.36
CA LYS C 112 19.42 -25.57 -51.70
C LYS C 112 19.94 -27.00 -51.85
N TYR C 113 19.24 -27.79 -52.68
CA TYR C 113 19.60 -29.17 -53.03
C TYR C 113 19.09 -29.40 -54.44
N ARG C 114 19.89 -30.03 -55.29
CA ARG C 114 19.48 -30.28 -56.67
C ARG C 114 19.40 -31.80 -56.92
N VAL C 115 18.28 -32.29 -57.49
CA VAL C 115 18.11 -33.71 -57.81
C VAL C 115 18.96 -34.02 -59.04
N VAL C 116 19.88 -34.99 -58.92
CA VAL C 116 20.74 -35.36 -60.04
C VAL C 116 20.06 -36.35 -60.96
N SER C 117 19.96 -35.99 -62.25
CA SER C 117 19.38 -36.88 -63.23
C SER C 117 20.49 -37.74 -63.82
N TRP C 118 20.19 -39.00 -64.07
CA TRP C 118 21.15 -39.89 -64.70
C TRP C 118 20.52 -40.66 -65.85
N LEU D 2 22.79 -14.02 29.49
CA LEU D 2 24.22 -14.24 29.58
C LEU D 2 24.58 -14.58 31.03
N LEU D 3 25.43 -15.58 31.21
CA LEU D 3 25.86 -16.05 32.50
C LEU D 3 27.33 -15.65 32.73
N PHE D 4 27.71 -15.44 33.98
CA PHE D 4 29.06 -15.01 34.33
C PHE D 4 29.77 -15.93 35.30
N ASN D 5 31.10 -15.93 35.23
CA ASN D 5 31.96 -16.62 36.19
C ASN D 5 32.32 -15.48 37.13
N LYS D 6 31.56 -15.33 38.23
CA LYS D 6 31.62 -14.18 39.12
C LYS D 6 32.78 -14.08 40.11
N THR D 7 33.09 -12.84 40.48
CA THR D 7 34.10 -12.49 41.47
C THR D 7 33.46 -11.36 42.29
N LYS D 8 33.38 -11.54 43.61
CA LYS D 8 32.79 -10.53 44.48
C LYS D 8 33.62 -9.27 44.51
N SER D 9 34.94 -9.39 44.67
CA SER D 9 35.81 -8.22 44.78
C SER D 9 37.24 -8.48 44.34
N VAL D 10 37.95 -7.42 43.97
CA VAL D 10 39.37 -7.47 43.64
C VAL D 10 40.05 -6.32 44.37
N GLU D 11 41.28 -6.54 44.81
CA GLU D 11 42.04 -5.51 45.51
C GLU D 11 43.35 -5.24 44.80
N PHE D 12 43.81 -4.00 44.84
CA PHE D 12 45.10 -3.63 44.31
C PHE D 12 45.88 -2.81 45.33
N THR D 13 47.17 -2.79 45.20
CA THR D 13 48.05 -1.95 45.99
C THR D 13 48.92 -1.20 44.95
N PHE D 14 49.83 -0.31 45.39
CA PHE D 14 50.76 0.33 44.47
C PHE D 14 51.84 -0.65 43.92
N GLY D 15 51.79 -1.93 44.31
CA GLY D 15 52.64 -2.98 43.75
C GLY D 15 52.09 -3.50 42.43
N ASN D 16 50.76 -3.35 42.20
CA ASN D 16 50.10 -3.76 40.95
C ASN D 16 50.56 -2.86 39.80
N ASP D 17 50.79 -3.41 38.59
CA ASP D 17 51.23 -2.62 37.43
C ASP D 17 50.04 -1.96 36.74
N THR D 18 48.98 -2.75 36.48
CA THR D 18 47.72 -2.32 35.88
C THR D 18 46.63 -2.81 36.84
N VAL D 19 45.50 -2.14 36.85
CA VAL D 19 44.38 -2.59 37.66
C VAL D 19 43.46 -3.33 36.72
N VAL D 20 43.10 -4.56 37.07
CA VAL D 20 42.20 -5.37 36.25
C VAL D 20 40.92 -5.69 37.03
N ILE D 21 39.75 -5.37 36.50
CA ILE D 21 38.47 -5.75 37.11
C ILE D 21 37.91 -6.84 36.23
N PRO D 22 37.86 -8.09 36.74
CA PRO D 22 37.43 -9.20 35.88
C PRO D 22 35.97 -9.20 35.47
N CYS D 23 35.70 -9.70 34.29
CA CYS D 23 34.33 -9.92 33.80
C CYS D 23 34.39 -11.02 32.79
N PHE D 24 33.74 -12.14 33.07
CA PHE D 24 33.79 -13.28 32.18
C PHE D 24 32.42 -13.87 31.92
N VAL D 25 31.96 -13.82 30.67
CA VAL D 25 30.72 -14.41 30.23
C VAL D 25 31.04 -15.87 29.86
N THR D 26 30.25 -16.82 30.37
CA THR D 26 30.51 -18.24 30.13
C THR D 26 29.75 -18.82 28.96
N ASN D 27 28.73 -18.13 28.43
CA ASN D 27 27.94 -18.62 27.32
C ASN D 27 27.81 -17.64 26.12
N MET D 28 28.92 -16.99 25.69
CA MET D 28 28.88 -16.11 24.50
C MET D 28 28.70 -17.00 23.29
N GLU D 29 27.94 -16.56 22.29
CA GLU D 29 27.75 -17.35 21.07
C GLU D 29 28.12 -16.60 19.80
N ALA D 30 28.24 -15.26 19.86
CA ALA D 30 28.52 -14.46 18.67
C ALA D 30 29.86 -14.79 18.07
N GLN D 31 29.92 -14.86 16.74
CA GLN D 31 31.19 -15.11 16.06
C GLN D 31 31.81 -13.81 15.51
N ASN D 32 31.20 -12.65 15.80
CA ASN D 32 31.68 -11.37 15.33
C ASN D 32 31.44 -10.34 16.40
N THR D 33 32.46 -9.50 16.68
CA THR D 33 32.30 -8.46 17.70
C THR D 33 31.24 -7.42 17.32
N THR D 34 30.79 -7.37 16.03
CA THR D 34 29.76 -6.40 15.63
C THR D 34 28.47 -6.57 16.39
N GLU D 35 28.16 -7.79 16.80
CA GLU D 35 26.93 -8.09 17.52
C GLU D 35 27.03 -7.89 19.02
N VAL D 36 28.17 -7.43 19.53
CA VAL D 36 28.42 -7.30 20.96
C VAL D 36 28.49 -5.85 21.40
N TYR D 37 28.01 -5.59 22.62
CA TYR D 37 28.05 -4.28 23.24
C TYR D 37 28.47 -4.51 24.68
N VAL D 38 29.49 -3.77 25.14
CA VAL D 38 29.94 -3.91 26.53
C VAL D 38 29.81 -2.57 27.21
N LYS D 39 29.30 -2.55 28.44
CA LYS D 39 29.19 -1.32 29.20
C LYS D 39 29.61 -1.54 30.64
N TRP D 40 30.57 -0.76 31.12
CA TRP D 40 30.98 -0.81 32.52
C TRP D 40 30.42 0.42 33.21
N LYS D 41 29.75 0.21 34.34
CA LYS D 41 29.16 1.31 35.10
C LYS D 41 29.80 1.42 36.47
N PHE D 42 29.88 2.64 36.99
CA PHE D 42 30.45 2.93 38.29
C PHE D 42 29.63 4.05 38.89
N LYS D 43 29.04 3.83 40.08
CA LYS D 43 28.19 4.81 40.77
C LYS D 43 27.09 5.38 39.86
N GLY D 44 26.49 4.49 39.07
CA GLY D 44 25.39 4.84 38.17
C GLY D 44 25.79 5.56 36.90
N ARG D 45 27.09 5.69 36.61
CA ARG D 45 27.55 6.36 35.38
C ARG D 45 28.17 5.38 34.42
N ASP D 46 28.07 5.61 33.12
CA ASP D 46 28.75 4.77 32.13
C ASP D 46 30.20 5.22 32.11
N ILE D 47 31.15 4.34 32.46
CA ILE D 47 32.56 4.75 32.51
C ILE D 47 33.42 4.08 31.40
N TYR D 48 32.84 3.10 30.67
CA TYR D 48 33.46 2.46 29.52
C TYR D 48 32.39 1.80 28.68
N THR D 49 32.43 2.03 27.36
CA THR D 49 31.59 1.27 26.45
C THR D 49 32.41 0.78 25.26
N PHE D 50 32.14 -0.43 24.81
CA PHE D 50 32.67 -0.93 23.55
C PHE D 50 31.41 -1.20 22.72
N ASP D 51 31.29 -0.51 21.60
CA ASP D 51 30.14 -0.67 20.72
C ASP D 51 30.66 -1.42 19.50
N GLY D 52 30.38 -2.72 19.44
CA GLY D 52 30.83 -3.55 18.33
C GLY D 52 30.34 -3.12 16.95
N ALA D 53 29.09 -2.63 16.84
CA ALA D 53 28.54 -2.22 15.55
C ALA D 53 29.24 -1.01 14.98
N LEU D 54 29.73 -0.11 15.84
CA LEU D 54 30.51 1.04 15.38
C LEU D 54 32.02 0.77 15.47
N ASN D 55 32.43 -0.35 16.11
CA ASN D 55 33.81 -0.74 16.46
C ASN D 55 34.46 0.43 17.21
N LYS D 56 33.73 0.95 18.21
CA LYS D 56 34.15 2.14 18.91
C LYS D 56 34.12 2.01 20.42
N SER D 57 35.20 2.45 21.08
CA SER D 57 35.25 2.49 22.53
C SER D 57 35.00 3.93 23.00
N THR D 58 34.30 4.11 24.14
CA THR D 58 34.04 5.45 24.67
C THR D 58 34.32 5.47 26.17
N VAL D 59 35.13 6.44 26.63
CA VAL D 59 35.39 6.62 28.06
C VAL D 59 35.22 8.09 28.42
N PRO D 60 34.71 8.42 29.62
CA PRO D 60 34.70 9.83 30.05
C PRO D 60 36.12 10.27 30.44
N THR D 61 36.33 11.59 30.69
CA THR D 61 37.65 12.12 31.03
C THR D 61 38.23 11.59 32.33
N ASP D 62 37.36 11.22 33.29
CA ASP D 62 37.88 10.68 34.55
C ASP D 62 38.25 9.18 34.48
N PHE D 63 38.11 8.55 33.29
CA PHE D 63 38.54 7.16 33.11
C PHE D 63 39.31 7.06 31.79
N SER D 64 40.19 8.04 31.52
CA SER D 64 40.93 8.10 30.27
C SER D 64 41.75 6.85 29.97
N SER D 65 42.25 6.15 31.00
CA SER D 65 43.08 4.96 30.79
C SER D 65 42.29 3.64 30.68
N ALA D 66 40.97 3.67 30.88
CA ALA D 66 40.13 2.49 30.87
C ALA D 66 39.98 1.89 29.49
N LYS D 67 40.09 0.56 29.42
CA LYS D 67 39.95 -0.15 28.15
C LYS D 67 39.67 -1.65 28.42
N ILE D 68 39.19 -2.36 27.41
CA ILE D 68 39.09 -3.80 27.46
C ILE D 68 39.97 -4.32 26.29
N GLU D 69 40.37 -5.60 26.33
CA GLU D 69 41.10 -6.19 25.20
C GLU D 69 40.02 -6.78 24.29
N VAL D 70 39.71 -6.08 23.20
CA VAL D 70 38.65 -6.53 22.29
C VAL D 70 38.91 -7.93 21.70
N SER D 71 40.18 -8.32 21.50
CA SER D 71 40.53 -9.64 20.98
C SER D 71 40.07 -10.81 21.90
N GLN D 72 39.75 -10.51 23.18
CA GLN D 72 39.31 -11.51 24.16
C GLN D 72 37.80 -11.58 24.35
N LEU D 73 37.04 -10.65 23.73
CA LEU D 73 35.62 -10.49 23.89
C LEU D 73 34.77 -11.68 23.43
N LEU D 74 35.08 -12.30 22.29
CA LEU D 74 34.28 -13.45 21.83
C LEU D 74 34.45 -14.67 22.74
N LYS D 75 35.57 -14.76 23.48
CA LYS D 75 35.76 -15.80 24.50
C LYS D 75 34.97 -15.50 25.80
N GLY D 76 34.31 -14.36 25.86
CA GLY D 76 33.53 -13.94 27.02
C GLY D 76 34.27 -13.01 27.97
N ASP D 77 35.57 -12.77 27.74
CA ASP D 77 36.34 -11.91 28.60
C ASP D 77 36.09 -10.43 28.26
N ALA D 78 35.42 -9.73 29.20
CA ALA D 78 35.15 -8.31 29.06
C ALA D 78 35.82 -7.52 30.18
N SER D 79 36.92 -8.05 30.75
CA SER D 79 37.63 -7.43 31.87
C SER D 79 38.09 -6.02 31.57
N LEU D 80 37.90 -5.11 32.53
CA LEU D 80 38.29 -3.71 32.38
C LEU D 80 39.68 -3.53 32.94
N LYS D 81 40.51 -2.81 32.20
CA LYS D 81 41.87 -2.51 32.64
C LYS D 81 41.99 -1.00 32.79
N MET D 82 42.76 -0.54 33.76
CA MET D 82 42.98 0.89 33.96
C MET D 82 44.27 1.12 34.73
N ASP D 83 44.79 2.37 34.72
CA ASP D 83 45.97 2.67 35.51
C ASP D 83 45.57 2.94 36.97
N LYS D 84 46.56 2.92 37.87
CA LYS D 84 46.32 3.14 39.28
C LYS D 84 45.77 4.53 39.61
N SER D 85 46.16 5.59 38.87
CA SER D 85 45.64 6.93 39.15
C SER D 85 44.10 6.98 38.96
N ASP D 86 43.57 6.28 37.94
CA ASP D 86 42.12 6.20 37.73
C ASP D 86 41.48 5.27 38.74
N ALA D 87 42.14 4.15 39.05
CA ALA D 87 41.62 3.17 39.98
C ALA D 87 41.49 3.69 41.43
N VAL D 88 42.52 4.36 41.96
CA VAL D 88 42.52 4.81 43.34
C VAL D 88 41.42 5.85 43.63
N SER D 89 41.07 6.65 42.62
CA SER D 89 40.04 7.66 42.76
C SER D 89 38.62 7.11 42.51
N HIS D 90 38.48 5.84 42.08
CA HIS D 90 37.20 5.23 41.79
C HIS D 90 37.08 3.84 42.39
N THR D 91 37.24 3.73 43.72
CA THR D 91 37.05 2.45 44.39
C THR D 91 35.56 2.28 44.65
N GLY D 92 35.13 1.04 44.69
CA GLY D 92 33.73 0.73 44.92
C GLY D 92 33.19 -0.27 43.91
N ASN D 93 31.88 -0.41 43.84
CA ASN D 93 31.19 -1.38 43.00
C ASN D 93 31.07 -0.99 41.53
N TYR D 94 31.59 -1.86 40.64
CA TYR D 94 31.50 -1.70 39.20
C TYR D 94 30.52 -2.74 38.67
N THR D 95 29.79 -2.37 37.63
CA THR D 95 28.86 -3.29 36.99
C THR D 95 29.36 -3.53 35.58
N CYS D 96 29.51 -4.79 35.21
CA CYS D 96 29.92 -5.15 33.85
C CYS D 96 28.63 -5.64 33.18
N GLU D 97 28.15 -4.94 32.13
CA GLU D 97 26.93 -5.31 31.42
C GLU D 97 27.29 -5.69 29.99
N VAL D 98 26.96 -6.92 29.58
CA VAL D 98 27.28 -7.40 28.25
C VAL D 98 25.99 -7.72 27.50
N THR D 99 25.92 -7.31 26.23
CA THR D 99 24.76 -7.57 25.41
C THR D 99 25.21 -8.24 24.14
N GLU D 100 24.52 -9.32 23.78
CA GLU D 100 24.80 -10.02 22.55
C GLU D 100 23.45 -10.25 21.90
N LEU D 101 22.98 -9.26 21.15
CA LEU D 101 21.69 -9.30 20.48
C LEU D 101 20.57 -9.40 21.55
N THR D 102 19.72 -10.45 21.57
CA THR D 102 18.67 -10.52 22.59
C THR D 102 19.16 -11.06 23.94
N ARG D 103 20.41 -11.55 24.03
CA ARG D 103 20.90 -12.09 25.31
C ARG D 103 21.74 -11.05 26.04
N GLU D 104 21.40 -10.75 27.29
CA GLU D 104 22.11 -9.75 28.07
C GLU D 104 22.36 -10.29 29.47
N GLY D 105 23.28 -9.66 30.15
CA GLY D 105 23.57 -9.99 31.52
C GLY D 105 24.44 -8.94 32.16
N GLU D 106 24.45 -8.90 33.49
N GLU D 106 24.44 -8.91 33.50
CA GLU D 106 25.30 -7.98 34.21
CA GLU D 106 25.22 -7.97 34.29
C GLU D 106 25.87 -8.67 35.47
C GLU D 106 25.87 -8.70 35.47
N THR D 107 27.04 -8.22 35.92
CA THR D 107 27.66 -8.75 37.13
C THR D 107 28.32 -7.59 37.86
N ILE D 108 28.35 -7.65 39.18
CA ILE D 108 28.94 -6.59 40.00
C ILE D 108 30.25 -7.05 40.60
N ILE D 109 31.28 -6.18 40.61
CA ILE D 109 32.58 -6.45 41.20
C ILE D 109 32.99 -5.25 42.01
N GLU D 110 33.42 -5.44 43.27
CA GLU D 110 33.90 -4.32 44.06
C GLU D 110 35.41 -4.18 43.89
N LEU D 111 35.87 -2.99 43.52
CA LEU D 111 37.27 -2.67 43.40
C LEU D 111 37.70 -2.06 44.74
N LYS D 112 38.66 -2.72 45.39
CA LYS D 112 39.14 -2.35 46.70
C LYS D 112 40.58 -1.86 46.68
N TYR D 113 40.88 -0.88 47.53
CA TYR D 113 42.20 -0.30 47.74
C TYR D 113 42.28 0.14 49.19
N ARG D 114 43.37 -0.15 49.88
CA ARG D 114 43.51 0.23 51.29
C ARG D 114 44.65 1.23 51.46
N VAL D 115 44.41 2.37 52.13
CA VAL D 115 45.44 3.37 52.38
C VAL D 115 46.39 2.85 53.44
N VAL D 116 47.69 2.77 53.12
CA VAL D 116 48.67 2.27 54.07
C VAL D 116 49.14 3.37 55.01
N SER D 117 48.99 3.13 56.33
CA SER D 117 49.45 4.09 57.30
C SER D 117 50.88 3.71 57.68
N TRP D 118 51.72 4.71 57.88
CA TRP D 118 53.10 4.47 58.26
C TRP D 118 53.49 5.35 59.46
N GLU E 1 4.48 -21.76 30.48
CA GLU E 1 4.09 -20.64 29.62
C GLU E 1 4.34 -19.30 30.32
N VAL E 2 4.80 -18.29 29.57
CA VAL E 2 5.02 -16.98 30.14
C VAL E 2 3.68 -16.25 30.17
N GLN E 3 3.41 -15.54 31.28
CA GLN E 3 2.20 -14.74 31.37
C GLN E 3 2.55 -13.40 32.02
N LEU E 4 2.03 -12.30 31.48
CA LEU E 4 2.16 -10.96 32.07
C LEU E 4 0.75 -10.42 32.19
N LEU E 5 0.42 -9.77 33.29
CA LEU E 5 -0.91 -9.18 33.45
C LEU E 5 -0.83 -7.85 34.16
N GLU E 6 -1.31 -6.80 33.50
CA GLU E 6 -1.33 -5.46 34.06
C GLU E 6 -2.57 -5.23 34.87
N SER E 7 -2.44 -4.41 35.92
CA SER E 7 -3.55 -3.92 36.73
C SER E 7 -3.25 -2.47 37.17
N GLY E 8 -4.21 -1.78 37.79
CA GLY E 8 -3.99 -0.41 38.25
C GLY E 8 -4.36 0.69 37.27
N GLY E 9 -4.86 0.31 36.10
CA GLY E 9 -5.25 1.27 35.08
C GLY E 9 -6.64 1.81 35.30
N GLY E 10 -7.14 2.56 34.33
CA GLY E 10 -8.46 3.14 34.43
C GLY E 10 -8.51 4.65 34.29
N LEU E 11 -9.62 5.22 34.75
CA LEU E 11 -9.91 6.64 34.67
C LEU E 11 -9.17 7.42 35.74
N VAL E 12 -8.57 8.53 35.36
CA VAL E 12 -7.83 9.39 36.27
C VAL E 12 -7.96 10.84 35.82
N GLN E 13 -8.15 11.79 36.75
CA GLN E 13 -8.33 13.19 36.40
C GLN E 13 -7.02 13.82 35.93
N PRO E 14 -7.08 14.82 35.01
CA PRO E 14 -5.84 15.53 34.63
C PRO E 14 -5.07 16.06 35.83
N GLY E 15 -3.77 15.84 35.82
CA GLY E 15 -2.89 16.21 36.93
C GLY E 15 -2.77 15.12 37.99
N GLY E 16 -3.63 14.10 37.90
CA GLY E 16 -3.67 13.02 38.87
C GLY E 16 -2.56 11.99 38.73
N SER E 17 -2.62 10.96 39.59
CA SER E 17 -1.64 9.89 39.62
C SER E 17 -2.27 8.50 39.50
N LEU E 18 -1.50 7.53 38.99
CA LEU E 18 -1.91 6.13 38.91
C LEU E 18 -0.66 5.27 39.10
N ARG E 19 -0.82 4.06 39.66
CA ARG E 19 0.30 3.12 39.75
C ARG E 19 -0.08 1.84 39.05
N LEU E 20 0.58 1.56 37.93
CA LEU E 20 0.35 0.32 37.21
C LEU E 20 1.20 -0.79 37.80
N SER E 21 0.67 -2.01 37.75
CA SER E 21 1.36 -3.19 38.22
C SER E 21 1.32 -4.21 37.13
N CYS E 22 2.31 -5.09 37.08
CA CYS E 22 2.36 -6.14 36.09
C CYS E 22 2.82 -7.39 36.78
N ALA E 23 1.96 -8.43 36.80
CA ALA E 23 2.30 -9.68 37.43
C ALA E 23 2.98 -10.54 36.39
N ALA E 24 4.22 -10.92 36.65
CA ALA E 24 5.00 -11.71 35.71
C ALA E 24 5.16 -13.15 36.18
N SER E 25 5.11 -14.10 35.25
CA SER E 25 5.27 -15.51 35.62
C SER E 25 5.77 -16.36 34.45
N GLY E 26 6.30 -17.55 34.74
CA GLY E 26 6.75 -18.46 33.70
C GLY E 26 8.16 -18.30 33.21
N PHE E 27 8.91 -17.40 33.84
CA PHE E 27 10.32 -17.14 33.58
C PHE E 27 10.97 -16.65 34.89
N THR E 28 12.31 -16.62 34.96
CA THR E 28 12.98 -16.16 36.16
C THR E 28 13.02 -14.64 36.07
N PHE E 29 12.03 -14.01 36.69
CA PHE E 29 11.79 -12.56 36.67
C PHE E 29 13.05 -11.71 36.82
N SER E 30 13.83 -11.97 37.88
CA SER E 30 15.02 -11.18 38.19
C SER E 30 16.15 -11.27 37.17
N SER E 31 16.17 -12.28 36.27
CA SER E 31 17.24 -12.38 35.27
C SER E 31 16.98 -11.50 34.03
N TYR E 32 15.82 -10.82 33.95
CA TYR E 32 15.48 -10.06 32.77
C TYR E 32 15.08 -8.67 33.06
N ALA E 33 15.48 -7.75 32.15
CA ALA E 33 15.01 -6.38 32.14
C ALA E 33 13.50 -6.43 31.79
N MET E 34 12.74 -5.42 32.19
CA MET E 34 11.30 -5.37 31.89
C MET E 34 10.98 -3.99 31.36
N SER E 35 9.93 -3.87 30.54
CA SER E 35 9.58 -2.58 29.97
C SER E 35 8.10 -2.28 30.00
N TRP E 36 7.77 -0.98 29.78
CA TRP E 36 6.43 -0.46 29.60
C TRP E 36 6.41 0.21 28.22
N VAL E 37 5.39 -0.13 27.42
CA VAL E 37 5.19 0.42 26.08
C VAL E 37 3.71 0.86 26.05
N ARG E 38 3.40 1.99 25.41
CA ARG E 38 2.00 2.45 25.36
C ARG E 38 1.59 2.76 23.94
N GLN E 39 0.27 2.88 23.71
CA GLN E 39 -0.28 3.18 22.42
C GLN E 39 -1.49 4.08 22.63
N ALA E 40 -1.32 5.34 22.27
CA ALA E 40 -2.39 6.33 22.35
C ALA E 40 -3.36 6.09 21.18
N PRO E 41 -4.64 6.50 21.32
CA PRO E 41 -5.62 6.24 20.24
C PRO E 41 -5.18 6.77 18.90
N GLY E 42 -5.23 5.92 17.88
CA GLY E 42 -4.83 6.29 16.53
C GLY E 42 -3.35 6.60 16.38
N LYS E 43 -2.52 6.06 17.29
CA LYS E 43 -1.08 6.33 17.23
C LYS E 43 -0.26 5.02 17.21
N GLY E 44 1.03 5.14 16.92
CA GLY E 44 1.91 3.99 16.92
C GLY E 44 2.32 3.56 18.32
N LEU E 45 3.15 2.54 18.41
CA LEU E 45 3.66 2.06 19.69
C LEU E 45 4.75 3.01 20.15
N GLU E 46 4.74 3.34 21.41
CA GLU E 46 5.73 4.25 21.97
C GLU E 46 6.32 3.56 23.17
N TRP E 47 7.63 3.20 23.11
CA TRP E 47 8.33 2.65 24.27
C TRP E 47 8.41 3.80 25.29
N VAL E 48 8.17 3.50 26.57
CA VAL E 48 8.11 4.54 27.56
C VAL E 48 9.11 4.35 28.72
N SER E 49 9.34 3.11 29.17
CA SER E 49 10.25 2.91 30.29
C SER E 49 10.82 1.50 30.36
N ALA E 50 11.99 1.34 30.99
CA ALA E 50 12.60 0.02 31.17
C ALA E 50 13.42 -0.01 32.46
N ILE E 51 13.62 -1.22 33.00
CA ILE E 51 14.38 -1.42 34.22
C ILE E 51 15.17 -2.71 34.08
N SER E 52 16.45 -2.68 34.48
CA SER E 52 17.31 -3.85 34.43
C SER E 52 16.77 -4.93 35.41
N GLY E 53 17.24 -6.17 35.27
CA GLY E 53 16.80 -7.28 36.11
C GLY E 53 16.91 -7.03 37.60
N SER E 54 18.03 -6.45 38.03
CA SER E 54 18.23 -6.16 39.46
C SER E 54 17.48 -4.92 39.94
N GLY E 55 17.14 -4.02 39.01
CA GLY E 55 16.52 -2.75 39.34
C GLY E 55 17.51 -1.60 39.45
N GLY E 56 18.81 -1.88 39.26
CA GLY E 56 19.88 -0.89 39.38
C GLY E 56 19.94 0.14 38.27
N SER E 57 19.36 -0.16 37.09
CA SER E 57 19.35 0.78 35.99
C SER E 57 17.92 1.00 35.51
N THR E 58 17.52 2.26 35.32
CA THR E 58 16.20 2.61 34.79
C THR E 58 16.36 3.48 33.54
N TYR E 59 15.41 3.36 32.62
CA TYR E 59 15.44 4.09 31.36
C TYR E 59 14.06 4.68 31.11
N TYR E 60 14.01 5.88 30.52
CA TYR E 60 12.74 6.54 30.25
C TYR E 60 12.77 7.23 28.93
N ALA E 61 11.61 7.31 28.28
CA ALA E 61 11.45 8.14 27.09
C ALA E 61 11.40 9.59 27.60
N ASP E 62 11.84 10.55 26.78
CA ASP E 62 11.82 11.96 27.20
C ASP E 62 10.40 12.46 27.49
N SER E 63 9.38 11.86 26.84
CA SER E 63 7.98 12.26 27.03
C SER E 63 7.44 11.96 28.45
N VAL E 64 8.09 11.07 29.19
CA VAL E 64 7.62 10.71 30.54
C VAL E 64 8.65 10.96 31.64
N LYS E 65 9.89 11.28 31.27
CA LYS E 65 11.00 11.56 32.21
C LYS E 65 10.61 12.65 33.21
N GLY E 66 10.83 12.37 34.49
CA GLY E 66 10.49 13.32 35.54
C GLY E 66 9.09 13.12 36.11
N ARG E 67 8.20 12.46 35.36
CA ARG E 67 6.83 12.24 35.83
C ARG E 67 6.56 10.77 36.15
N PHE E 68 7.18 9.85 35.39
CA PHE E 68 6.96 8.42 35.62
C PHE E 68 8.14 7.81 36.34
N THR E 69 7.88 6.81 37.18
CA THR E 69 8.95 6.08 37.84
C THR E 69 8.72 4.58 37.69
N ILE E 70 9.67 3.90 37.07
CA ILE E 70 9.58 2.44 36.93
C ILE E 70 10.31 1.81 38.14
N SER E 71 9.75 0.73 38.66
CA SER E 71 10.37 -0.01 39.74
C SER E 71 9.93 -1.49 39.65
N ARG E 72 10.56 -2.37 40.41
CA ARG E 72 10.20 -3.78 40.43
C ARG E 72 10.42 -4.36 41.82
N ASP E 73 9.68 -5.43 42.13
CA ASP E 73 9.84 -6.15 43.39
C ASP E 73 10.12 -7.59 42.99
N ASN E 74 11.41 -7.97 42.97
CA ASN E 74 11.84 -9.30 42.55
C ASN E 74 11.39 -10.40 43.49
N SER E 75 11.08 -10.08 44.77
CA SER E 75 10.56 -11.10 45.68
C SER E 75 9.06 -11.43 45.38
N LYS E 76 8.35 -10.55 44.65
CA LYS E 76 6.92 -10.75 44.31
C LYS E 76 6.66 -10.87 42.79
N ASN E 77 7.71 -10.84 41.96
CA ASN E 77 7.59 -10.91 40.49
C ASN E 77 6.65 -9.88 39.93
N THR E 78 6.75 -8.66 40.45
CA THR E 78 5.87 -7.58 40.02
C THR E 78 6.70 -6.42 39.51
N LEU E 79 6.24 -5.83 38.41
CA LEU E 79 6.83 -4.66 37.79
C LEU E 79 5.85 -3.51 38.02
N TYR E 80 6.34 -2.31 38.39
CA TYR E 80 5.46 -1.16 38.62
C TYR E 80 5.77 0.01 37.69
N LEU E 81 4.78 0.88 37.50
CA LEU E 81 4.94 2.13 36.80
C LEU E 81 4.14 3.18 37.56
N GLN E 82 4.82 4.05 38.29
CA GLN E 82 4.18 5.14 39.02
C GLN E 82 4.07 6.30 38.05
N MET E 83 2.85 6.71 37.72
CA MET E 83 2.62 7.77 36.76
C MET E 83 2.05 8.98 37.50
N ASN E 84 2.78 10.08 37.52
CA ASN E 84 2.35 11.31 38.18
C ASN E 84 2.13 12.41 37.14
N SER E 85 1.42 13.49 37.54
CA SER E 85 1.13 14.66 36.69
C SER E 85 0.60 14.27 35.32
N LEU E 86 -0.40 13.38 35.30
CA LEU E 86 -0.95 12.87 34.06
C LEU E 86 -1.64 13.93 33.22
N ARG E 87 -1.53 13.81 31.91
CA ARG E 87 -2.10 14.75 30.96
C ARG E 87 -2.93 14.03 29.91
N ALA E 88 -3.77 14.77 29.14
CA ALA E 88 -4.59 14.15 28.11
C ALA E 88 -3.76 13.32 27.10
N GLU E 89 -2.50 13.75 26.83
CA GLU E 89 -1.64 13.01 25.90
C GLU E 89 -1.12 11.67 26.48
N ASP E 90 -1.27 11.44 27.79
CA ASP E 90 -0.91 10.16 28.41
C ASP E 90 -2.02 9.12 28.30
N THR E 91 -3.19 9.46 27.75
CA THR E 91 -4.30 8.53 27.54
C THR E 91 -3.82 7.53 26.47
N ALA E 92 -3.77 6.24 26.82
CA ALA E 92 -3.20 5.20 25.98
C ALA E 92 -3.46 3.84 26.64
N VAL E 93 -3.30 2.76 25.87
CA VAL E 93 -3.32 1.43 26.45
C VAL E 93 -1.85 1.22 26.86
N TYR E 94 -1.59 0.81 28.10
CA TYR E 94 -0.24 0.58 28.58
C TYR E 94 0.02 -0.89 28.66
N TYR E 95 1.13 -1.34 28.10
CA TYR E 95 1.51 -2.74 28.11
C TYR E 95 2.79 -2.95 28.88
N CYS E 96 2.87 -4.05 29.64
CA CYS E 96 4.16 -4.44 30.22
C CYS E 96 4.70 -5.52 29.28
N ALA E 97 6.02 -5.57 29.18
CA ALA E 97 6.66 -6.51 28.26
C ALA E 97 7.96 -7.00 28.84
N LYS E 98 8.23 -8.27 28.58
CA LYS E 98 9.47 -8.91 29.03
C LYS E 98 10.61 -8.45 28.13
N SER E 99 11.78 -8.20 28.74
CA SER E 99 13.00 -7.71 28.10
C SER E 99 12.96 -6.19 27.90
N TYR E 100 14.10 -5.66 27.48
CA TYR E 100 14.22 -4.31 27.00
C TYR E 100 15.04 -4.49 25.75
N GLY E 101 14.34 -4.68 24.64
CA GLY E 101 14.88 -4.94 23.32
C GLY E 101 13.84 -5.73 22.55
N ALA E 102 14.08 -7.05 22.34
CA ALA E 102 13.08 -7.90 21.66
C ALA E 102 12.03 -8.28 22.68
N PHE E 103 10.84 -7.67 22.59
CA PHE E 103 9.75 -7.89 23.54
C PHE E 103 9.04 -9.17 23.12
N ASP E 104 9.49 -10.27 23.70
CA ASP E 104 8.99 -11.58 23.34
C ASP E 104 7.64 -11.90 23.96
N TYR E 105 7.33 -11.30 25.12
CA TYR E 105 6.06 -11.54 25.79
C TYR E 105 5.52 -10.25 26.25
N TRP E 106 4.21 -10.11 26.12
CA TRP E 106 3.53 -8.89 26.46
C TRP E 106 2.30 -9.19 27.33
N GLY E 107 1.88 -8.21 28.12
CA GLY E 107 0.62 -8.31 28.83
C GLY E 107 -0.51 -7.96 27.87
N GLN E 108 -1.77 -8.08 28.32
CA GLN E 108 -2.90 -7.75 27.44
C GLN E 108 -3.15 -6.27 27.24
N GLY E 109 -2.55 -5.43 28.08
CA GLY E 109 -2.69 -3.99 28.02
C GLY E 109 -3.77 -3.49 28.95
N THR E 110 -3.57 -2.31 29.51
CA THR E 110 -4.58 -1.69 30.36
C THR E 110 -4.80 -0.26 29.93
N LEU E 111 -6.06 0.13 29.67
CA LEU E 111 -6.37 1.48 29.23
C LEU E 111 -6.30 2.48 30.35
N VAL E 112 -5.53 3.54 30.15
CA VAL E 112 -5.46 4.63 31.11
C VAL E 112 -6.14 5.81 30.41
N THR E 113 -7.22 6.36 30.99
CA THR E 113 -7.93 7.48 30.40
C THR E 113 -7.80 8.70 31.30
N VAL E 114 -7.13 9.74 30.82
CA VAL E 114 -6.95 10.96 31.59
C VAL E 114 -8.10 11.90 31.22
N SER E 115 -9.11 12.00 32.11
CA SER E 115 -10.31 12.79 31.86
C SER E 115 -10.98 13.19 33.16
N SER E 116 -11.64 14.35 33.15
CA SER E 116 -12.42 14.79 34.32
C SER E 116 -13.87 14.25 34.27
N ALA E 117 -14.26 13.50 33.21
CA ALA E 117 -15.61 12.95 33.09
C ALA E 117 -15.85 11.80 34.08
N SER E 118 -17.12 11.55 34.42
CA SER E 118 -17.47 10.53 35.41
C SER E 118 -17.72 9.16 34.80
N THR E 119 -17.50 8.12 35.58
CA THR E 119 -17.75 6.76 35.16
C THR E 119 -19.26 6.55 35.06
N LYS E 120 -19.70 5.91 33.98
CA LYS E 120 -21.11 5.61 33.80
C LYS E 120 -21.23 4.24 33.20
N GLY E 121 -22.04 3.41 33.81
CA GLY E 121 -22.28 2.06 33.32
C GLY E 121 -23.28 2.07 32.18
N PRO E 122 -23.21 1.07 31.30
CA PRO E 122 -24.10 1.07 30.14
C PRO E 122 -25.47 0.43 30.34
N SER E 123 -26.39 0.74 29.46
CA SER E 123 -27.67 0.04 29.39
C SER E 123 -27.49 -0.95 28.23
N VAL E 124 -28.07 -2.13 28.32
CA VAL E 124 -27.95 -3.14 27.26
C VAL E 124 -29.33 -3.45 26.68
N PHE E 125 -29.49 -3.24 25.39
CA PHE E 125 -30.78 -3.44 24.72
C PHE E 125 -30.69 -4.52 23.66
N PRO E 126 -31.77 -5.33 23.49
CA PRO E 126 -31.72 -6.37 22.46
C PRO E 126 -31.97 -5.87 21.03
N LEU E 127 -31.31 -6.48 20.08
CA LEU E 127 -31.52 -6.20 18.66
C LEU E 127 -32.14 -7.49 18.13
N ALA E 128 -33.46 -7.61 18.31
CA ALA E 128 -34.22 -8.81 17.97
C ALA E 128 -34.12 -9.28 16.49
N PRO E 129 -34.06 -10.60 16.25
CA PRO E 129 -34.09 -11.08 14.87
C PRO E 129 -35.49 -10.84 14.28
N SER E 130 -35.57 -10.25 13.10
CA SER E 130 -36.85 -9.86 12.50
C SER E 130 -37.59 -10.97 11.73
N GLY E 137 -32.66 -17.53 4.40
CA GLY E 137 -31.91 -18.65 4.96
C GLY E 137 -31.06 -18.29 6.17
N THR E 138 -30.76 -16.98 6.34
CA THR E 138 -29.92 -16.47 7.43
C THR E 138 -30.55 -15.27 8.12
N ALA E 139 -30.53 -15.25 9.47
CA ALA E 139 -31.10 -14.15 10.24
C ALA E 139 -30.03 -13.42 11.09
N ALA E 140 -30.17 -12.11 11.29
CA ALA E 140 -29.23 -11.35 12.12
C ALA E 140 -29.91 -10.90 13.42
N LEU E 141 -29.20 -10.99 14.53
CA LEU E 141 -29.65 -10.52 15.85
C LEU E 141 -28.45 -9.87 16.59
N GLY E 142 -28.69 -9.16 17.69
CA GLY E 142 -27.61 -8.52 18.42
C GLY E 142 -27.94 -7.88 19.75
N CYS E 143 -27.03 -7.01 20.21
CA CYS E 143 -27.17 -6.28 21.46
C CYS E 143 -26.56 -4.89 21.31
N LEU E 144 -27.24 -3.88 21.84
CA LEU E 144 -26.78 -2.50 21.82
C LEU E 144 -26.31 -2.14 23.24
N VAL E 145 -25.03 -1.81 23.39
CA VAL E 145 -24.42 -1.43 24.67
C VAL E 145 -24.29 0.08 24.61
N LYS E 146 -25.22 0.79 25.26
CA LYS E 146 -25.30 2.22 25.12
C LYS E 146 -24.99 3.04 26.36
N ASP E 147 -24.37 4.21 26.13
CA ASP E 147 -24.13 5.27 27.10
C ASP E 147 -23.20 4.91 28.27
N TYR E 148 -21.96 4.53 27.96
CA TYR E 148 -21.01 4.19 29.01
C TYR E 148 -19.74 5.03 28.93
N PHE E 149 -18.98 5.06 30.02
CA PHE E 149 -17.72 5.77 30.08
C PHE E 149 -16.97 5.29 31.31
N PRO E 150 -15.65 5.08 31.23
CA PRO E 150 -14.83 5.11 30.02
C PRO E 150 -14.91 3.78 29.26
N GLU E 151 -14.07 3.61 28.25
CA GLU E 151 -13.95 2.31 27.61
C GLU E 151 -13.10 1.47 28.60
N PRO E 152 -13.10 0.14 28.49
CA PRO E 152 -13.78 -0.65 27.46
C PRO E 152 -14.99 -1.45 27.97
N VAL E 153 -15.75 -2.02 27.05
CA VAL E 153 -16.75 -3.02 27.37
C VAL E 153 -16.36 -4.29 26.60
N THR E 154 -16.71 -5.45 27.13
CA THR E 154 -16.48 -6.71 26.42
C THR E 154 -17.84 -7.34 26.16
N VAL E 155 -18.00 -7.98 25.02
CA VAL E 155 -19.24 -8.67 24.68
C VAL E 155 -18.94 -10.07 24.19
N SER E 156 -19.63 -11.06 24.77
CA SER E 156 -19.57 -12.43 24.30
C SER E 156 -21.01 -12.94 24.04
N TRP E 157 -21.14 -14.07 23.36
CA TRP E 157 -22.44 -14.64 23.04
C TRP E 157 -22.51 -16.07 23.57
N ASN E 158 -23.58 -16.39 24.30
CA ASN E 158 -23.82 -17.70 24.92
C ASN E 158 -22.62 -18.14 25.77
N SER E 159 -22.06 -17.20 26.55
CA SER E 159 -20.90 -17.39 27.43
C SER E 159 -19.64 -17.83 26.71
N GLY E 160 -19.49 -17.41 25.45
CA GLY E 160 -18.33 -17.78 24.65
C GLY E 160 -18.56 -18.94 23.70
N ALA E 161 -19.71 -19.64 23.83
CA ALA E 161 -20.00 -20.78 22.95
C ALA E 161 -20.37 -20.37 21.53
N LEU E 162 -20.82 -19.12 21.34
CA LEU E 162 -21.14 -18.63 20.00
C LEU E 162 -20.13 -17.55 19.59
N THR E 163 -19.24 -17.89 18.65
CA THR E 163 -18.21 -16.98 18.17
C THR E 163 -18.29 -16.76 16.65
N SER E 164 -18.86 -17.72 15.91
CA SER E 164 -18.96 -17.64 14.46
C SER E 164 -20.00 -16.64 13.98
N GLY E 165 -19.58 -15.78 13.06
CA GLY E 165 -20.46 -14.77 12.49
C GLY E 165 -20.77 -13.62 13.43
N VAL E 166 -19.93 -13.44 14.47
CA VAL E 166 -20.09 -12.38 15.45
C VAL E 166 -19.29 -11.17 15.02
N HIS E 167 -19.92 -10.00 15.03
CA HIS E 167 -19.28 -8.74 14.71
C HIS E 167 -19.54 -7.77 15.83
N THR E 168 -18.55 -7.51 16.67
CA THR E 168 -18.67 -6.55 17.76
C THR E 168 -18.01 -5.29 17.24
N PHE E 169 -18.79 -4.26 16.98
CA PHE E 169 -18.29 -3.04 16.39
C PHE E 169 -17.44 -2.21 17.33
N PRO E 170 -16.48 -1.43 16.78
CA PRO E 170 -15.74 -0.50 17.64
C PRO E 170 -16.72 0.51 18.25
N ALA E 171 -16.46 0.90 19.50
CA ALA E 171 -17.33 1.88 20.16
C ALA E 171 -17.24 3.22 19.46
N VAL E 172 -18.35 3.96 19.45
CA VAL E 172 -18.34 5.31 18.89
C VAL E 172 -18.61 6.26 20.02
N LEU E 173 -17.90 7.39 20.03
CA LEU E 173 -18.12 8.39 21.04
C LEU E 173 -19.31 9.22 20.58
N GLN E 174 -20.39 9.24 21.37
CA GLN E 174 -21.59 10.02 21.05
C GLN E 174 -21.42 11.51 21.37
N SER E 175 -22.36 12.37 20.92
CA SER E 175 -22.33 13.81 21.17
C SER E 175 -22.34 14.14 22.67
N SER E 176 -22.91 13.25 23.48
CA SER E 176 -22.97 13.43 24.93
C SER E 176 -21.64 13.12 25.63
N GLY E 177 -20.62 12.63 24.91
CA GLY E 177 -19.37 12.23 25.53
C GLY E 177 -19.42 10.81 26.11
N LEU E 178 -20.50 10.07 25.85
CA LEU E 178 -20.63 8.68 26.29
C LEU E 178 -20.44 7.77 25.07
N TYR E 179 -19.90 6.57 25.27
CA TYR E 179 -19.70 5.64 24.17
C TYR E 179 -20.93 4.77 23.94
N SER E 180 -20.98 4.17 22.77
CA SER E 180 -22.02 3.21 22.40
C SER E 180 -21.42 2.22 21.43
N LEU E 181 -21.87 0.98 21.47
CA LEU E 181 -21.47 -0.03 20.52
C LEU E 181 -22.53 -1.09 20.36
N SER E 182 -22.51 -1.79 19.24
CA SER E 182 -23.41 -2.90 19.01
CA SER E 182 -23.42 -2.89 19.00
C SER E 182 -22.60 -4.14 18.72
N SER E 183 -23.15 -5.29 19.03
CA SER E 183 -22.50 -6.57 18.77
C SER E 183 -23.60 -7.36 18.10
N VAL E 184 -23.37 -7.82 16.86
CA VAL E 184 -24.35 -8.55 16.08
C VAL E 184 -23.84 -9.95 15.72
N VAL E 185 -24.74 -10.86 15.39
CA VAL E 185 -24.39 -12.22 14.98
C VAL E 185 -25.41 -12.71 13.97
N THR E 186 -24.95 -13.39 12.91
CA THR E 186 -25.87 -13.97 11.94
C THR E 186 -25.93 -15.47 12.19
N VAL E 187 -27.14 -15.99 12.35
CA VAL E 187 -27.38 -17.42 12.64
C VAL E 187 -28.47 -17.96 11.69
N PRO E 188 -28.60 -19.30 11.55
CA PRO E 188 -29.67 -19.84 10.68
C PRO E 188 -31.05 -19.49 11.20
N SER E 189 -31.98 -19.15 10.31
CA SER E 189 -33.36 -18.79 10.68
C SER E 189 -34.08 -19.92 11.43
N SER E 190 -33.74 -21.19 11.11
CA SER E 190 -34.33 -22.39 11.70
C SER E 190 -34.09 -22.50 13.21
N SER E 191 -32.93 -22.01 13.66
CA SER E 191 -32.56 -22.08 15.07
C SER E 191 -33.24 -21.01 15.96
N LEU E 192 -33.92 -20.02 15.37
CA LEU E 192 -34.51 -18.93 16.14
C LEU E 192 -35.54 -19.35 17.19
N GLY E 193 -36.29 -20.40 16.92
CA GLY E 193 -37.29 -20.89 17.85
C GLY E 193 -36.75 -21.86 18.89
N THR E 194 -35.68 -22.57 18.56
CA THR E 194 -35.10 -23.56 19.47
C THR E 194 -33.89 -23.01 20.26
N GLN E 195 -32.82 -22.58 19.57
CA GLN E 195 -31.60 -22.08 20.18
C GLN E 195 -31.83 -20.74 20.87
N THR E 196 -31.19 -20.57 22.04
CA THR E 196 -31.27 -19.37 22.83
C THR E 196 -30.02 -18.54 22.62
N TYR E 197 -30.17 -17.22 22.42
CA TYR E 197 -29.04 -16.34 22.20
C TYR E 197 -28.96 -15.28 23.29
N ILE E 198 -27.90 -15.29 24.08
CA ILE E 198 -27.68 -14.35 25.18
C ILE E 198 -26.39 -13.58 24.97
N CYS E 199 -26.44 -12.24 25.08
CA CYS E 199 -25.22 -11.45 24.99
C CYS E 199 -24.74 -11.15 26.41
N ASN E 200 -23.45 -11.38 26.64
CA ASN E 200 -22.84 -11.18 27.96
C ASN E 200 -21.99 -9.93 27.89
N VAL E 201 -22.49 -8.85 28.49
CA VAL E 201 -21.82 -7.55 28.48
C VAL E 201 -21.14 -7.29 29.81
N ASN E 202 -19.88 -6.88 29.77
CA ASN E 202 -19.17 -6.54 30.99
C ASN E 202 -18.50 -5.18 30.85
N HIS E 203 -18.70 -4.31 31.84
CA HIS E 203 -18.08 -3.01 31.88
C HIS E 203 -17.37 -2.89 33.23
N LYS E 204 -16.14 -3.43 33.30
CA LYS E 204 -15.32 -3.41 34.53
C LYS E 204 -15.15 -2.04 35.18
N PRO E 205 -14.96 -0.90 34.45
CA PRO E 205 -14.82 0.41 35.13
C PRO E 205 -15.98 0.79 36.06
N SER E 206 -17.19 0.30 35.79
CA SER E 206 -18.36 0.59 36.64
C SER E 206 -18.90 -0.64 37.38
N ASN E 207 -18.29 -1.83 37.17
CA ASN E 207 -18.73 -3.09 37.76
C ASN E 207 -20.12 -3.48 37.26
N THR E 208 -20.36 -3.29 35.96
CA THR E 208 -21.65 -3.63 35.38
C THR E 208 -21.53 -4.94 34.64
N LYS E 209 -22.40 -5.89 34.93
CA LYS E 209 -22.39 -7.17 34.22
C LYS E 209 -23.82 -7.48 33.82
N VAL E 210 -24.13 -7.44 32.52
CA VAL E 210 -25.48 -7.70 32.06
C VAL E 210 -25.52 -8.91 31.13
N ASP E 211 -26.45 -9.83 31.33
CA ASP E 211 -26.64 -10.96 30.46
C ASP E 211 -28.03 -10.73 29.87
N LYS E 212 -28.11 -10.33 28.59
CA LYS E 212 -29.39 -10.03 27.97
C LYS E 212 -29.79 -11.10 26.99
N ARG E 213 -31.02 -11.63 27.14
CA ARG E 213 -31.54 -12.65 26.25
C ARG E 213 -32.15 -11.95 25.03
N VAL E 214 -31.83 -12.43 23.83
CA VAL E 214 -32.31 -11.84 22.57
C VAL E 214 -33.20 -12.84 21.85
N GLU E 215 -34.51 -12.58 21.86
CA GLU E 215 -35.49 -13.46 21.25
C GLU E 215 -36.26 -12.74 20.14
N PRO E 216 -36.87 -13.48 19.18
CA PRO E 216 -37.68 -12.79 18.16
C PRO E 216 -38.93 -12.11 18.73
N LYS E 217 -39.58 -11.26 17.92
CA LYS E 217 -40.78 -10.52 18.34
C LYS E 217 -40.42 -9.39 19.30
N ASP F 1 19.98 9.93 19.51
CA ASP F 1 19.11 8.77 19.39
C ASP F 1 19.14 8.14 17.98
N ILE F 2 18.58 6.94 17.81
CA ILE F 2 18.54 6.29 16.50
C ILE F 2 17.11 6.35 15.98
N GLN F 3 16.93 6.86 14.77
CA GLN F 3 15.61 6.99 14.16
C GLN F 3 15.40 5.89 13.11
N MET F 4 14.22 5.30 13.07
CA MET F 4 13.90 4.27 12.07
C MET F 4 12.94 4.90 11.07
N THR F 5 13.17 4.65 9.79
CA THR F 5 12.25 5.11 8.75
C THR F 5 11.62 3.85 8.18
N GLN F 6 10.38 3.57 8.54
CA GLN F 6 9.69 2.37 8.07
C GLN F 6 8.85 2.73 6.86
N SER F 7 8.86 1.89 5.83
CA SER F 7 8.09 2.14 4.62
CA SER F 7 8.09 2.13 4.61
C SER F 7 7.49 0.81 4.13
N PRO F 8 6.33 0.82 3.48
CA PRO F 8 5.45 1.99 3.22
C PRO F 8 4.57 2.28 4.45
N SER F 9 3.71 3.28 4.36
CA SER F 9 2.80 3.61 5.43
C SER F 9 1.65 2.57 5.47
N SER F 10 1.16 2.17 4.30
CA SER F 10 0.13 1.15 4.21
C SER F 10 0.23 0.48 2.84
N LEU F 11 -0.31 -0.72 2.75
CA LEU F 11 -0.33 -1.43 1.49
C LEU F 11 -1.53 -2.38 1.50
N SER F 12 -1.98 -2.71 0.30
CA SER F 12 -3.07 -3.63 0.11
C SER F 12 -2.53 -4.73 -0.81
N ALA F 13 -2.56 -5.99 -0.37
CA ALA F 13 -2.03 -7.10 -1.18
C ALA F 13 -2.99 -8.28 -1.16
N SER F 14 -3.07 -9.01 -2.25
CA SER F 14 -3.99 -10.16 -2.36
C SER F 14 -3.50 -11.38 -1.57
N VAL F 15 -4.42 -12.29 -1.22
CA VAL F 15 -4.07 -13.58 -0.59
C VAL F 15 -3.17 -14.34 -1.57
N GLY F 16 -2.05 -14.84 -1.10
CA GLY F 16 -1.08 -15.51 -1.95
C GLY F 16 0.05 -14.62 -2.42
N ASP F 17 -0.09 -13.28 -2.25
CA ASP F 17 0.93 -12.29 -2.69
C ASP F 17 2.11 -12.24 -1.70
N ARG F 18 3.26 -11.73 -2.15
CA ARG F 18 4.41 -11.48 -1.28
C ARG F 18 4.28 -10.03 -0.73
N VAL F 19 4.46 -9.87 0.57
CA VAL F 19 4.42 -8.54 1.19
C VAL F 19 5.84 -8.15 1.59
N THR F 20 6.30 -6.94 1.24
CA THR F 20 7.64 -6.50 1.55
C THR F 20 7.59 -5.14 2.27
N ILE F 21 8.14 -5.08 3.46
CA ILE F 21 8.16 -3.89 4.31
C ILE F 21 9.61 -3.62 4.67
N THR F 22 10.02 -2.36 4.68
CA THR F 22 11.41 -2.03 4.92
C THR F 22 11.56 -1.05 6.06
N CYS F 23 12.75 -1.01 6.62
CA CYS F 23 13.06 -0.11 7.69
C CYS F 23 14.49 0.35 7.46
N ARG F 24 14.77 1.67 7.54
CA ARG F 24 16.14 2.14 7.47
C ARG F 24 16.51 2.80 8.80
N ALA F 25 17.62 2.39 9.42
CA ALA F 25 18.12 2.97 10.66
C ALA F 25 19.01 4.17 10.36
N SER F 26 18.97 5.20 11.23
CA SER F 26 19.80 6.39 10.99
C SER F 26 21.30 6.16 11.32
N GLN F 27 21.64 5.05 11.98
CA GLN F 27 23.02 4.70 12.30
C GLN F 27 23.19 3.19 12.08
N SER F 28 24.44 2.72 11.97
N SER F 28 24.43 2.71 11.96
CA SER F 28 24.66 1.29 11.80
CA SER F 28 24.66 1.28 11.79
C SER F 28 24.41 0.58 13.12
C SER F 28 24.42 0.57 13.11
N ILE F 29 23.51 -0.39 13.12
CA ILE F 29 23.14 -1.13 14.33
C ILE F 29 23.30 -2.64 14.19
N SER F 30 24.11 -3.11 13.22
N SER F 30 24.10 -3.10 13.21
CA SER F 30 24.35 -4.53 12.92
CA SER F 30 24.34 -4.52 12.97
C SER F 30 23.00 -5.32 12.86
C SER F 30 23.01 -5.31 12.87
N SER F 31 22.74 -6.36 13.71
CA SER F 31 21.47 -7.07 13.62
C SER F 31 20.47 -6.64 14.71
N TYR F 32 20.67 -5.48 15.34
CA TYR F 32 19.84 -5.06 16.46
C TYR F 32 18.51 -4.42 16.04
N LEU F 33 17.67 -5.22 15.42
CA LEU F 33 16.36 -4.75 14.96
C LEU F 33 15.35 -5.86 15.11
N ASN F 34 14.13 -5.54 15.56
CA ASN F 34 13.09 -6.56 15.69
C ASN F 34 11.85 -6.18 14.85
N TRP F 35 11.00 -7.16 14.51
CA TRP F 35 9.74 -6.89 13.79
C TRP F 35 8.59 -7.48 14.60
N TYR F 36 7.46 -6.76 14.61
CA TYR F 36 6.25 -7.11 15.35
C TYR F 36 5.03 -7.05 14.46
N GLN F 37 4.03 -7.86 14.78
CA GLN F 37 2.71 -7.80 14.13
C GLN F 37 1.75 -7.30 15.22
N GLN F 38 0.90 -6.33 14.91
CA GLN F 38 -0.10 -5.90 15.87
C GLN F 38 -1.48 -5.83 15.29
N LYS F 39 -2.41 -6.65 15.81
CA LYS F 39 -3.83 -6.60 15.48
C LYS F 39 -4.45 -5.42 16.24
N PRO F 40 -5.47 -4.72 15.68
CA PRO F 40 -6.00 -3.52 16.36
C PRO F 40 -6.41 -3.70 17.82
N GLY F 41 -5.93 -2.80 18.68
CA GLY F 41 -6.23 -2.83 20.11
C GLY F 41 -5.78 -4.07 20.86
N LYS F 42 -4.86 -4.87 20.28
CA LYS F 42 -4.33 -6.09 20.93
C LYS F 42 -2.83 -5.92 21.13
N ALA F 43 -2.24 -6.69 22.06
CA ALA F 43 -0.78 -6.59 22.24
C ALA F 43 -0.05 -7.04 20.97
N PRO F 44 1.04 -6.35 20.61
CA PRO F 44 1.87 -6.83 19.49
C PRO F 44 2.48 -8.19 19.78
N LYS F 45 2.87 -8.88 18.72
CA LYS F 45 3.52 -10.17 18.85
C LYS F 45 4.83 -10.07 18.14
N LEU F 46 5.89 -10.57 18.75
CA LEU F 46 7.21 -10.56 18.15
C LEU F 46 7.26 -11.57 16.99
N LEU F 47 7.68 -11.13 15.81
CA LEU F 47 7.80 -12.03 14.67
C LEU F 47 9.27 -12.44 14.48
N ILE F 48 10.14 -11.45 14.32
CA ILE F 48 11.55 -11.62 13.99
C ILE F 48 12.37 -10.90 15.05
N TYR F 49 13.37 -11.55 15.62
CA TYR F 49 14.27 -10.89 16.56
C TYR F 49 15.66 -10.91 15.96
N ALA F 50 16.48 -9.92 16.32
CA ALA F 50 17.83 -9.81 15.84
C ALA F 50 17.92 -9.85 14.30
N ALA F 51 17.03 -9.07 13.68
CA ALA F 51 16.88 -8.80 12.24
C ALA F 51 16.42 -9.96 11.37
N SER F 52 16.90 -11.18 11.64
CA SER F 52 16.68 -12.31 10.77
C SER F 52 16.38 -13.62 11.47
N SER F 53 16.18 -13.64 12.80
CA SER F 53 15.77 -14.88 13.45
C SER F 53 14.26 -14.96 13.60
N LEU F 54 13.67 -16.09 13.22
CA LEU F 54 12.23 -16.29 13.36
C LEU F 54 11.90 -16.67 14.79
N GLN F 55 10.98 -15.92 15.47
CA GLN F 55 10.63 -16.26 16.86
C GLN F 55 9.90 -17.62 16.88
N SER F 56 10.14 -18.48 17.91
CA SER F 56 9.47 -19.79 17.93
C SER F 56 7.95 -19.63 17.99
N GLY F 57 7.27 -20.49 17.26
CA GLY F 57 5.82 -20.41 17.16
C GLY F 57 5.35 -19.53 16.01
N VAL F 58 6.22 -18.67 15.45
CA VAL F 58 5.80 -17.79 14.33
C VAL F 58 5.77 -18.57 13.01
N PRO F 59 4.72 -18.43 12.18
CA PRO F 59 4.69 -19.17 10.91
C PRO F 59 5.90 -18.89 10.00
N SER F 60 6.34 -19.90 9.25
CA SER F 60 7.51 -19.79 8.39
C SER F 60 7.33 -18.83 7.19
N ARG F 61 6.10 -18.38 6.91
CA ARG F 61 5.90 -17.38 5.82
C ARG F 61 6.50 -16.00 6.18
N PHE F 62 6.81 -15.75 7.47
CA PHE F 62 7.43 -14.50 7.89
C PHE F 62 8.94 -14.68 7.93
N SER F 63 9.69 -13.71 7.40
CA SER F 63 11.13 -13.73 7.49
C SER F 63 11.66 -12.29 7.53
N GLY F 64 12.83 -12.12 8.12
CA GLY F 64 13.49 -10.83 8.15
C GLY F 64 14.86 -10.96 7.54
N SER F 65 15.36 -9.87 6.96
CA SER F 65 16.74 -9.87 6.45
C SER F 65 17.34 -8.49 6.64
N GLY F 66 18.66 -8.42 6.56
CA GLY F 66 19.36 -7.16 6.64
C GLY F 66 20.23 -7.06 7.85
N SER F 67 21.22 -6.20 7.78
CA SER F 67 22.19 -5.97 8.84
C SER F 67 22.84 -4.63 8.54
N GLY F 68 22.99 -3.79 9.54
CA GLY F 68 23.63 -2.49 9.36
C GLY F 68 22.61 -1.39 9.47
N THR F 69 22.07 -0.94 8.34
CA THR F 69 21.04 0.10 8.37
C THR F 69 19.78 -0.30 7.61
N ASP F 70 19.87 -1.23 6.64
CA ASP F 70 18.71 -1.54 5.78
C ASP F 70 18.10 -2.89 6.09
N PHE F 71 16.83 -2.89 6.51
CA PHE F 71 16.18 -4.12 6.96
C PHE F 71 14.90 -4.37 6.19
N THR F 72 14.53 -5.63 6.03
CA THR F 72 13.30 -5.98 5.32
C THR F 72 12.54 -7.07 6.03
N LEU F 73 11.22 -6.91 6.15
CA LEU F 73 10.33 -7.94 6.63
C LEU F 73 9.58 -8.45 5.39
N THR F 74 9.46 -9.76 5.23
CA THR F 74 8.73 -10.34 4.09
C THR F 74 7.70 -11.32 4.57
N ILE F 75 6.52 -11.29 3.95
CA ILE F 75 5.52 -12.31 4.16
C ILE F 75 5.51 -12.99 2.79
N SER F 76 5.95 -14.24 2.70
CA SER F 76 6.15 -14.90 1.40
C SER F 76 4.89 -15.12 0.64
N SER F 77 3.85 -15.49 1.34
CA SER F 77 2.57 -15.77 0.70
C SER F 77 1.50 -15.39 1.71
N LEU F 78 0.87 -14.23 1.48
CA LEU F 78 -0.09 -13.63 2.39
C LEU F 78 -1.35 -14.45 2.65
N GLN F 79 -1.70 -14.60 3.92
CA GLN F 79 -2.93 -15.29 4.33
C GLN F 79 -3.90 -14.24 4.85
N PRO F 80 -5.22 -14.45 4.75
CA PRO F 80 -6.16 -13.39 5.14
C PRO F 80 -6.07 -12.96 6.61
N GLU F 81 -5.66 -13.89 7.48
CA GLU F 81 -5.52 -13.58 8.90
C GLU F 81 -4.23 -12.73 9.16
N ASP F 82 -3.42 -12.40 8.12
CA ASP F 82 -2.21 -11.61 8.31
C ASP F 82 -2.44 -10.11 8.26
N PHE F 83 -3.71 -9.62 8.10
CA PHE F 83 -3.97 -8.17 8.18
C PHE F 83 -3.57 -7.70 9.58
N ALA F 84 -2.84 -6.61 9.65
CA ALA F 84 -2.32 -6.08 10.91
C ALA F 84 -1.50 -4.82 10.60
N THR F 85 -1.02 -4.09 11.64
CA THR F 85 -0.04 -3.06 11.47
C THR F 85 1.26 -3.75 11.93
N TYR F 86 2.28 -3.72 11.09
CA TYR F 86 3.57 -4.32 11.39
C TYR F 86 4.55 -3.21 11.78
N TYR F 87 5.42 -3.46 12.76
CA TYR F 87 6.35 -2.46 13.20
C TYR F 87 7.78 -2.98 13.25
N CYS F 88 8.76 -2.18 12.82
CA CYS F 88 10.16 -2.50 13.10
C CYS F 88 10.48 -1.79 14.42
N GLN F 89 11.62 -2.13 15.03
CA GLN F 89 12.02 -1.53 16.29
C GLN F 89 13.52 -1.63 16.35
N GLN F 90 14.19 -0.51 16.63
CA GLN F 90 15.64 -0.56 16.82
C GLN F 90 15.89 -1.08 18.26
N MET F 91 16.90 -1.93 18.47
CA MET F 91 17.19 -2.41 19.84
C MET F 91 18.66 -2.34 20.20
N HIS F 92 19.45 -1.55 19.47
CA HIS F 92 20.86 -1.38 19.79
C HIS F 92 20.97 -0.65 21.14
N PRO F 93 21.78 -1.20 22.06
CA PRO F 93 21.85 -0.61 23.40
C PRO F 93 22.49 0.78 23.50
N ARG F 94 23.03 1.34 22.38
CA ARG F 94 23.58 2.70 22.46
C ARG F 94 22.46 3.78 22.55
N ALA F 95 21.22 3.42 22.23
CA ALA F 95 20.14 4.38 22.22
C ALA F 95 18.81 3.78 22.66
N PRO F 96 17.79 4.63 22.90
CA PRO F 96 16.44 4.10 23.22
C PRO F 96 15.93 3.12 22.14
N LYS F 97 15.32 2.03 22.61
CA LYS F 97 14.89 0.91 21.76
C LYS F 97 13.48 1.12 21.26
N THR F 98 13.36 2.13 20.38
CA THR F 98 12.10 2.64 19.90
C THR F 98 11.59 2.00 18.61
N PHE F 99 10.28 2.12 18.42
CA PHE F 99 9.58 1.56 17.29
C PHE F 99 9.60 2.49 16.08
N GLY F 100 9.48 1.90 14.90
CA GLY F 100 9.25 2.64 13.67
C GLY F 100 7.79 3.08 13.64
N GLN F 101 7.41 3.73 12.54
CA GLN F 101 6.08 4.31 12.39
C GLN F 101 4.95 3.30 12.17
N GLY F 102 5.27 2.10 11.69
CA GLY F 102 4.27 1.08 11.43
C GLY F 102 3.82 1.06 9.98
N THR F 103 3.40 -0.11 9.49
CA THR F 103 2.88 -0.27 8.14
C THR F 103 1.60 -1.04 8.29
N LYS F 104 0.48 -0.48 7.82
CA LYS F 104 -0.80 -1.18 7.90
C LYS F 104 -0.94 -2.04 6.66
N VAL F 105 -1.07 -3.36 6.84
CA VAL F 105 -1.21 -4.32 5.76
C VAL F 105 -2.70 -4.69 5.66
N GLU F 106 -3.30 -4.38 4.52
CA GLU F 106 -4.69 -4.68 4.26
C GLU F 106 -4.75 -5.77 3.19
N ILE F 107 -5.80 -6.60 3.26
CA ILE F 107 -5.95 -7.67 2.28
C ILE F 107 -6.79 -7.18 1.12
N LYS F 108 -6.24 -7.21 -0.07
CA LYS F 108 -6.94 -6.83 -1.30
C LYS F 108 -7.76 -8.05 -1.71
N ARG F 109 -9.02 -7.83 -2.08
CA ARG F 109 -9.89 -8.91 -2.57
C ARG F 109 -10.87 -8.35 -3.62
N THR F 110 -11.76 -9.19 -4.12
CA THR F 110 -12.75 -8.77 -5.11
C THR F 110 -13.92 -8.06 -4.46
N VAL F 111 -14.69 -7.32 -5.28
CA VAL F 111 -15.87 -6.62 -4.80
C VAL F 111 -16.90 -7.59 -4.19
N ALA F 112 -17.43 -7.26 -3.01
CA ALA F 112 -18.46 -8.05 -2.36
C ALA F 112 -19.58 -7.09 -1.92
N ALA F 113 -20.82 -7.32 -2.38
CA ALA F 113 -21.95 -6.46 -2.00
C ALA F 113 -22.37 -6.77 -0.57
N PRO F 114 -22.80 -5.78 0.21
CA PRO F 114 -23.27 -6.08 1.58
C PRO F 114 -24.66 -6.72 1.63
N SER F 115 -24.92 -7.47 2.70
CA SER F 115 -26.26 -7.97 3.02
C SER F 115 -26.77 -6.92 4.02
N VAL F 116 -27.94 -6.30 3.76
CA VAL F 116 -28.44 -5.25 4.63
C VAL F 116 -29.57 -5.73 5.57
N PHE F 117 -29.52 -5.31 6.84
CA PHE F 117 -30.52 -5.64 7.84
C PHE F 117 -30.88 -4.38 8.62
N ILE F 118 -32.11 -4.33 9.15
CA ILE F 118 -32.53 -3.18 9.95
C ILE F 118 -33.18 -3.68 11.24
N PHE F 119 -32.94 -2.96 12.33
CA PHE F 119 -33.46 -3.30 13.63
C PHE F 119 -34.15 -2.10 14.24
N PRO F 120 -35.44 -2.22 14.57
CA PRO F 120 -36.11 -1.13 15.28
C PRO F 120 -35.60 -1.04 16.73
N PRO F 121 -35.87 0.06 17.44
CA PRO F 121 -35.53 0.11 18.87
C PRO F 121 -36.30 -0.95 19.64
N SER F 122 -35.73 -1.44 20.75
CA SER F 122 -36.42 -2.43 21.56
C SER F 122 -37.47 -1.73 22.42
N ASP F 123 -38.47 -2.49 22.91
CA ASP F 123 -39.48 -1.91 23.79
C ASP F 123 -38.83 -1.50 25.11
N GLU F 124 -37.83 -2.26 25.57
CA GLU F 124 -37.05 -1.95 26.78
C GLU F 124 -36.38 -0.58 26.64
N GLN F 125 -35.75 -0.29 25.47
CA GLN F 125 -35.12 1.02 25.26
C GLN F 125 -36.16 2.13 25.18
N LEU F 126 -37.25 1.90 24.42
CA LEU F 126 -38.32 2.88 24.30
C LEU F 126 -38.91 3.27 25.65
N LYS F 127 -39.05 2.29 26.57
CA LYS F 127 -39.54 2.56 27.94
C LYS F 127 -38.55 3.41 28.74
N SER F 128 -37.25 3.29 28.44
CA SER F 128 -36.24 4.11 29.09
C SER F 128 -36.18 5.57 28.54
N GLY F 129 -36.90 5.85 27.46
CA GLY F 129 -36.98 7.20 26.91
C GLY F 129 -36.26 7.53 25.62
N THR F 130 -35.44 6.60 25.07
CA THR F 130 -34.71 6.88 23.84
C THR F 130 -35.01 5.84 22.74
N ALA F 131 -34.62 6.12 21.49
CA ALA F 131 -34.86 5.20 20.40
C ALA F 131 -33.63 5.12 19.52
N SER F 132 -33.08 3.93 19.35
CA SER F 132 -31.93 3.73 18.49
C SER F 132 -32.34 2.76 17.39
N VAL F 133 -32.28 3.22 16.14
CA VAL F 133 -32.60 2.39 15.00
C VAL F 133 -31.26 1.95 14.36
N VAL F 134 -31.04 0.65 14.21
CA VAL F 134 -29.75 0.16 13.70
C VAL F 134 -29.82 -0.44 12.30
N CYS F 135 -28.98 0.03 11.37
CA CYS F 135 -28.90 -0.51 10.02
C CYS F 135 -27.53 -1.23 9.94
N LEU F 136 -27.54 -2.51 9.54
CA LEU F 136 -26.34 -3.32 9.45
C LEU F 136 -26.04 -3.67 7.99
N LEU F 137 -24.79 -3.43 7.56
CA LEU F 137 -24.27 -3.75 6.22
C LEU F 137 -23.27 -4.84 6.50
N ASN F 138 -23.58 -6.08 6.14
CA ASN F 138 -22.74 -7.21 6.48
C ASN F 138 -21.91 -7.75 5.32
N ASN F 139 -20.62 -7.98 5.59
CA ASN F 139 -19.66 -8.62 4.71
C ASN F 139 -19.54 -8.02 3.31
N PHE F 140 -19.04 -6.81 3.24
CA PHE F 140 -18.83 -6.14 1.96
C PHE F 140 -17.37 -5.76 1.74
N TYR F 141 -17.02 -5.49 0.49
CA TYR F 141 -15.68 -5.07 0.11
C TYR F 141 -15.81 -4.29 -1.23
N PRO F 142 -15.15 -3.13 -1.44
CA PRO F 142 -14.27 -2.39 -0.52
C PRO F 142 -15.04 -1.69 0.62
N ARG F 143 -14.30 -1.08 1.53
CA ARG F 143 -14.83 -0.40 2.71
C ARG F 143 -15.79 0.74 2.42
N GLU F 144 -15.56 1.43 1.29
CA GLU F 144 -16.38 2.58 0.91
C GLU F 144 -17.83 2.21 0.71
N ALA F 145 -18.71 2.80 1.50
CA ALA F 145 -20.14 2.54 1.42
C ALA F 145 -20.92 3.79 1.89
N LYS F 146 -22.10 4.03 1.31
CA LYS F 146 -22.90 5.18 1.69
C LYS F 146 -24.21 4.71 2.30
N VAL F 147 -24.55 5.22 3.48
CA VAL F 147 -25.79 4.86 4.13
C VAL F 147 -26.62 6.14 4.27
N GLN F 148 -27.86 6.13 3.75
CA GLN F 148 -28.76 7.28 3.83
C GLN F 148 -29.99 6.86 4.61
N TRP F 149 -30.31 7.60 5.68
CA TRP F 149 -31.50 7.28 6.48
C TRP F 149 -32.69 8.07 5.95
N LYS F 150 -33.86 7.44 5.89
CA LYS F 150 -35.10 8.07 5.47
C LYS F 150 -36.22 7.72 6.44
N VAL F 151 -36.89 8.73 7.02
CA VAL F 151 -37.98 8.51 7.94
C VAL F 151 -39.24 9.13 7.32
N ASP F 152 -40.21 8.30 6.89
CA ASP F 152 -41.40 8.72 6.15
C ASP F 152 -40.97 9.42 4.85
N ASN F 153 -39.96 8.85 4.17
CA ASN F 153 -39.37 9.35 2.93
C ASN F 153 -38.52 10.62 3.09
N ALA F 154 -38.42 11.18 4.30
CA ALA F 154 -37.61 12.39 4.50
C ALA F 154 -36.14 12.03 4.74
N LEU F 155 -35.23 12.64 3.94
CA LEU F 155 -33.79 12.45 4.07
C LEU F 155 -33.36 12.96 5.44
N GLN F 156 -32.54 12.17 6.15
CA GLN F 156 -32.04 12.58 7.46
C GLN F 156 -30.58 12.98 7.39
N SER F 157 -30.14 13.83 8.33
CA SER F 157 -28.73 14.19 8.47
C SER F 157 -28.43 14.70 9.88
N GLY F 158 -27.22 14.41 10.37
CA GLY F 158 -26.77 14.85 11.69
C GLY F 158 -27.26 14.02 12.85
N ASN F 159 -28.15 13.04 12.62
CA ASN F 159 -28.68 12.22 13.72
C ASN F 159 -28.28 10.73 13.63
N SER F 160 -27.21 10.42 12.89
CA SER F 160 -26.69 9.06 12.80
C SER F 160 -25.18 9.01 12.94
N GLN F 161 -24.67 7.85 13.37
CA GLN F 161 -23.23 7.61 13.52
C GLN F 161 -22.92 6.21 13.00
N GLU F 162 -21.74 6.04 12.40
CA GLU F 162 -21.36 4.76 11.83
C GLU F 162 -20.17 4.16 12.54
N SER F 163 -20.09 2.83 12.48
CA SER F 163 -18.97 2.11 13.03
C SER F 163 -18.63 1.01 12.04
N VAL F 164 -17.33 0.74 11.82
CA VAL F 164 -16.90 -0.27 10.88
C VAL F 164 -15.95 -1.26 11.54
N THR F 165 -16.15 -2.56 11.30
CA THR F 165 -15.27 -3.57 11.87
C THR F 165 -13.95 -3.61 11.06
N GLU F 166 -12.96 -4.36 11.55
CA GLU F 166 -11.76 -4.64 10.78
C GLU F 166 -12.10 -5.76 9.77
N GLN F 167 -11.18 -6.05 8.82
CA GLN F 167 -11.40 -7.11 7.86
C GLN F 167 -11.58 -8.48 8.55
N ASP F 168 -12.49 -9.30 8.03
CA ASP F 168 -12.72 -10.66 8.52
C ASP F 168 -11.46 -11.49 8.23
N SER F 169 -11.08 -12.38 9.17
N SER F 169 -11.07 -12.39 9.17
CA SER F 169 -9.86 -13.21 9.03
CA SER F 169 -9.86 -13.21 9.03
C SER F 169 -9.91 -14.26 7.93
C SER F 169 -9.91 -14.26 7.93
N LYS F 170 -11.09 -14.53 7.37
CA LYS F 170 -11.22 -15.51 6.30
C LYS F 170 -11.56 -14.80 4.98
N ASP F 171 -12.67 -14.03 4.93
CA ASP F 171 -13.10 -13.47 3.66
C ASP F 171 -12.69 -12.04 3.43
N SER F 172 -11.95 -11.40 4.36
CA SER F 172 -11.41 -10.05 4.21
C SER F 172 -12.46 -8.97 3.99
N THR F 173 -13.71 -9.23 4.37
CA THR F 173 -14.76 -8.24 4.22
C THR F 173 -14.89 -7.36 5.48
N TYR F 174 -15.65 -6.29 5.35
CA TYR F 174 -15.95 -5.38 6.42
C TYR F 174 -17.43 -5.52 6.71
N SER F 175 -17.82 -5.12 7.91
CA SER F 175 -19.23 -4.99 8.26
C SER F 175 -19.37 -3.59 8.85
N LEU F 176 -20.55 -2.97 8.71
CA LEU F 176 -20.74 -1.62 9.16
C LEU F 176 -22.09 -1.47 9.84
N SER F 177 -22.16 -0.64 10.88
CA SER F 177 -23.43 -0.35 11.54
C SER F 177 -23.66 1.14 11.43
N SER F 178 -24.90 1.55 11.13
CA SER F 178 -25.26 2.96 11.13
C SER F 178 -26.41 3.06 12.09
N THR F 179 -26.26 3.85 13.17
CA THR F 179 -27.29 3.95 14.19
C THR F 179 -27.93 5.32 14.15
N LEU F 180 -29.25 5.35 13.94
CA LEU F 180 -30.06 6.56 13.91
C LEU F 180 -30.60 6.74 15.32
N THR F 181 -30.32 7.86 15.98
CA THR F 181 -30.78 8.06 17.35
C THR F 181 -31.81 9.18 17.43
N LEU F 182 -32.97 8.87 17.97
CA LEU F 182 -34.05 9.83 18.16
C LEU F 182 -34.57 9.76 19.57
N SER F 183 -35.26 10.83 20.05
CA SER F 183 -35.91 10.75 21.36
C SER F 183 -37.11 9.80 21.19
N LYS F 184 -37.65 9.24 22.29
CA LYS F 184 -38.81 8.34 22.23
C LYS F 184 -40.00 9.04 21.52
N ALA F 185 -40.21 10.32 21.83
CA ALA F 185 -41.28 11.13 21.25
C ALA F 185 -41.13 11.28 19.74
N ASP F 186 -39.92 11.57 19.26
CA ASP F 186 -39.69 11.73 17.81
C ASP F 186 -39.86 10.42 17.07
N TYR F 187 -39.40 9.31 17.67
CA TYR F 187 -39.55 7.99 17.06
C TYR F 187 -41.02 7.63 16.87
N GLU F 188 -41.86 7.95 17.88
CA GLU F 188 -43.28 7.65 17.84
C GLU F 188 -44.09 8.49 16.83
N LYS F 189 -43.51 9.57 16.30
CA LYS F 189 -44.21 10.42 15.32
C LYS F 189 -44.25 9.82 13.94
N HIS F 190 -43.34 8.90 13.63
CA HIS F 190 -43.22 8.39 12.28
C HIS F 190 -43.51 6.92 12.13
N LYS F 191 -43.88 6.51 10.91
CA LYS F 191 -44.21 5.13 10.64
C LYS F 191 -43.09 4.37 9.96
N VAL F 192 -42.58 4.90 8.81
CA VAL F 192 -41.62 4.19 7.99
C VAL F 192 -40.17 4.58 8.26
N TYR F 193 -39.35 3.60 8.62
CA TYR F 193 -37.94 3.84 8.87
C TYR F 193 -37.18 3.03 7.85
N ALA F 194 -36.34 3.70 7.04
CA ALA F 194 -35.61 3.02 5.99
C ALA F 194 -34.15 3.44 5.93
N CYS F 195 -33.26 2.49 5.60
CA CYS F 195 -31.86 2.83 5.38
C CYS F 195 -31.52 2.40 3.96
N GLU F 196 -31.06 3.35 3.14
CA GLU F 196 -30.71 3.18 1.74
C GLU F 196 -29.20 3.03 1.62
N VAL F 197 -28.73 1.90 1.09
CA VAL F 197 -27.30 1.58 0.98
C VAL F 197 -26.75 1.65 -0.44
N THR F 198 -25.72 2.48 -0.65
CA THR F 198 -25.04 2.59 -1.94
C THR F 198 -23.66 1.91 -1.83
N HIS F 199 -23.35 0.94 -2.70
CA HIS F 199 -22.05 0.26 -2.64
C HIS F 199 -21.63 -0.20 -4.03
N GLN F 200 -20.31 -0.23 -4.32
CA GLN F 200 -19.75 -0.68 -5.59
C GLN F 200 -20.29 -2.05 -6.05
N GLY F 201 -20.62 -2.89 -5.09
CA GLY F 201 -21.13 -4.23 -5.36
C GLY F 201 -22.59 -4.32 -5.73
N LEU F 202 -23.35 -3.22 -5.59
CA LEU F 202 -24.78 -3.18 -5.90
C LEU F 202 -25.02 -2.35 -7.17
N SER F 203 -25.75 -2.90 -8.15
CA SER F 203 -26.05 -2.17 -9.38
C SER F 203 -27.00 -0.98 -9.15
N SER F 204 -27.82 -1.05 -8.08
CA SER F 204 -28.72 0.02 -7.65
C SER F 204 -28.80 0.04 -6.11
N PRO F 205 -29.03 1.20 -5.46
CA PRO F 205 -29.09 1.23 -3.99
C PRO F 205 -30.12 0.27 -3.41
N VAL F 206 -29.81 -0.34 -2.26
CA VAL F 206 -30.71 -1.29 -1.63
C VAL F 206 -31.33 -0.67 -0.39
N THR F 207 -32.66 -0.69 -0.28
CA THR F 207 -33.33 -0.13 0.88
C THR F 207 -33.93 -1.22 1.76
N LYS F 208 -33.69 -1.17 3.07
CA LYS F 208 -34.31 -2.07 4.04
C LYS F 208 -35.19 -1.19 4.92
N SER F 209 -36.45 -1.60 5.13
CA SER F 209 -37.39 -0.78 5.89
C SER F 209 -38.23 -1.55 6.90
N PHE F 210 -38.92 -0.83 7.78
CA PHE F 210 -39.89 -1.40 8.72
C PHE F 210 -40.97 -0.35 9.07
N ASN F 211 -42.14 -0.82 9.51
CA ASN F 211 -43.24 0.05 9.95
C ASN F 211 -43.29 -0.09 11.46
N ARG F 212 -43.07 1.02 12.18
CA ARG F 212 -42.98 1.07 13.64
C ARG F 212 -43.97 0.19 14.44
N GLY F 213 -45.24 0.21 14.09
CA GLY F 213 -46.25 -0.56 14.82
C GLY F 213 -46.30 -2.06 14.52
N GLU F 214 -45.39 -2.55 13.65
CA GLU F 214 -45.41 -3.96 13.27
C GLU F 214 -44.14 -4.69 13.66
#